data_9E04
#
_entry.id   9E04
#
_cell.length_a   1.00
_cell.length_b   1.00
_cell.length_c   1.00
_cell.angle_alpha   90.00
_cell.angle_beta   90.00
_cell.angle_gamma   90.00
#
_symmetry.space_group_name_H-M   'P 1'
#
loop_
_entity.id
_entity.type
_entity.pdbx_description
1 polymer 'Multicopper oxidase CueO'
2 polymer 'Sec-independent protein translocase protein TatB homolog'
3 polymer 'Sec-independent protein translocase protein TatC'
#
loop_
_entity_poly.entity_id
_entity_poly.type
_entity_poly.pdbx_seq_one_letter_code
_entity_poly.pdbx_strand_id
1 'polypeptide(L)' MQRRDFLKYSVALGVASALPLWSRAVFA H,I,G
2 'polypeptide(L)'
;MFGMGFSEILVIALVAILFLGPDKLPEAMVQIAKFFNSVRKTINEAKSTFEEELHLKELKEEALSYRQSLSEVGSDISGF
KNAISNHTDELQEAIEIARSGMPTDRLNESVDDLLEEDEPTGETSQRPGVTEYKEMARKALEEAENSAEAQTAETPSVED
KGPESSPKESSRPAGFKHLDNEANAWSHPQFEK
;
B,D,F
3 'polypeptide(L)'
;MFESMKPHLAELRQRLAISVLAVFVGFIIAFTFHNAILGWITKPLNNALIQVGKIVEKREMGTWKISGNEHNATLAPSKS
PALLSDHAQSAEKLHRTLAEASQATQNPKLQKLLSQAASAAEELARNSRILRKALVKEENLTRQAVNQNLREKSFNGMIT
THQVGGAFFVALKVSFFAGILMAMPVILWQLWLFIAPGLYDNEKKMVLPFVVGGSVMFLIGVLFAYYVVTPFGFQFLITF
GSFLYTPLINIEDYVGFFTKILIGFGIAFELPVVAYFLALLGLITDKTLKDYFKYAIVIIFLLAAFLTPPDVLTQLLMAA
PLILLYGLSILIVHYVNPYKPEEKEDDEEEEEDEFEKAEREFEALEKGSESHESGSENLYFQ
;
A,E,C
#
# COMPACT_ATOMS: atom_id res chain seq x y z
N MET A 1 30.01 -27.44 -1.09
CA MET A 1 28.60 -27.77 -0.94
C MET A 1 27.98 -28.11 -2.29
N GLN A 2 27.13 -29.13 -2.32
CA GLN A 2 26.52 -29.62 -3.55
C GLN A 2 25.35 -28.74 -3.94
N ARG A 3 24.86 -28.96 -5.17
CA ARG A 3 23.85 -28.05 -5.73
C ARG A 3 22.52 -28.17 -5.01
N ARG A 4 22.14 -29.39 -4.59
CA ARG A 4 20.86 -29.59 -3.92
C ARG A 4 20.79 -28.80 -2.62
N ASP A 5 21.87 -28.82 -1.84
CA ASP A 5 21.91 -28.02 -0.61
C ASP A 5 21.82 -26.54 -0.92
N PHE A 6 22.46 -26.11 -2.02
CA PHE A 6 22.35 -24.71 -2.43
C PHE A 6 20.91 -24.33 -2.71
N LEU A 7 20.18 -25.19 -3.43
CA LEU A 7 18.79 -24.93 -3.73
C LEU A 7 17.97 -24.87 -2.45
N LYS A 8 18.22 -25.79 -1.52
CA LYS A 8 17.50 -25.81 -0.26
C LYS A 8 17.73 -24.51 0.52
N TYR A 9 18.99 -24.08 0.61
CA TYR A 9 19.31 -22.88 1.38
C TYR A 9 18.72 -21.63 0.71
N SER A 10 18.78 -21.56 -0.62
CA SER A 10 18.21 -20.41 -1.32
C SER A 10 16.70 -20.36 -1.13
N VAL A 11 16.03 -21.50 -1.22
CA VAL A 11 14.59 -21.56 -1.01
C VAL A 11 14.26 -21.15 0.42
N ALA A 12 15.04 -21.63 1.39
CA ALA A 12 14.78 -21.30 2.78
C ALA A 12 14.94 -19.80 3.03
N LEU A 13 16.00 -19.20 2.48
CA LEU A 13 16.20 -17.78 2.67
C LEU A 13 15.12 -16.97 1.98
N GLY A 14 14.67 -17.40 0.80
CA GLY A 14 13.56 -16.72 0.16
C GLY A 14 12.28 -16.80 0.97
N VAL A 15 12.02 -17.96 1.58
CA VAL A 15 10.87 -18.10 2.46
C VAL A 15 10.99 -17.17 3.66
N ALA A 16 12.18 -17.11 4.25
CA ALA A 16 12.41 -16.24 5.40
C ALA A 16 12.20 -14.78 5.03
N SER A 17 12.47 -14.43 3.77
CA SER A 17 12.23 -13.07 3.30
C SER A 17 10.76 -12.78 3.06
N ALA A 18 9.90 -13.78 3.15
CA ALA A 18 8.47 -13.58 2.95
C ALA A 18 7.64 -13.68 4.22
N LEU A 19 8.25 -14.02 5.35
CA LEU A 19 7.54 -14.13 6.62
C LEU A 19 6.93 -12.79 7.01
N MET B 1 6.22 -3.41 2.77
CA MET B 1 7.19 -2.81 3.67
C MET B 1 7.48 -1.36 3.29
N PHE B 2 6.58 -0.45 3.68
CA PHE B 2 6.70 0.97 3.39
C PHE B 2 6.80 1.21 1.89
N GLY B 3 5.87 0.63 1.14
CA GLY B 3 5.85 0.79 -0.30
C GLY B 3 6.85 -0.07 -1.04
N MET B 4 7.42 -1.08 -0.39
CA MET B 4 8.43 -1.94 -0.99
C MET B 4 7.87 -3.35 -1.11
N GLY B 5 8.09 -3.98 -2.28
CA GLY B 5 7.58 -5.30 -2.54
C GLY B 5 8.66 -6.37 -2.53
N PHE B 6 8.21 -7.61 -2.66
CA PHE B 6 9.13 -8.75 -2.74
C PHE B 6 9.89 -8.75 -4.05
N SER B 7 9.21 -8.38 -5.15
CA SER B 7 9.87 -8.36 -6.44
C SER B 7 11.04 -7.39 -6.44
N GLU B 8 10.92 -6.30 -5.68
CA GLU B 8 12.03 -5.37 -5.55
C GLU B 8 13.20 -6.00 -4.82
N ILE B 9 12.92 -6.80 -3.79
CA ILE B 9 13.95 -7.56 -3.07
C ILE B 9 14.68 -8.44 -4.08
N LEU B 10 13.91 -9.13 -4.92
CA LEU B 10 14.50 -10.00 -5.94
C LEU B 10 15.36 -9.21 -6.93
N VAL B 11 14.92 -8.02 -7.35
CA VAL B 11 15.70 -7.22 -8.28
C VAL B 11 17.00 -6.78 -7.65
N ILE B 12 16.97 -6.31 -6.41
CA ILE B 12 18.21 -5.94 -5.72
C ILE B 12 19.13 -7.13 -5.54
N ALA B 13 18.59 -8.31 -5.22
CA ALA B 13 19.42 -9.51 -5.15
C ALA B 13 20.04 -9.86 -6.50
N LEU B 14 19.28 -9.72 -7.58
CA LEU B 14 19.82 -9.94 -8.92
C LEU B 14 20.99 -9.01 -9.20
N VAL B 15 20.81 -7.71 -8.90
CA VAL B 15 21.89 -6.74 -9.09
C VAL B 15 23.09 -7.09 -8.24
N ALA B 16 22.89 -7.49 -6.99
CA ALA B 16 23.97 -7.86 -6.10
C ALA B 16 24.77 -9.06 -6.61
N ILE B 17 24.08 -10.08 -7.11
CA ILE B 17 24.78 -11.24 -7.66
C ILE B 17 25.51 -10.87 -8.94
N LEU B 18 24.88 -10.04 -9.78
CA LEU B 18 25.47 -9.70 -11.06
C LEU B 18 26.75 -8.88 -10.90
N PHE B 19 26.69 -7.81 -10.10
CA PHE B 19 27.78 -6.84 -10.09
C PHE B 19 28.87 -7.17 -9.08
N LEU B 20 28.50 -7.68 -7.91
CA LEU B 20 29.52 -8.08 -6.94
C LEU B 20 30.12 -9.42 -7.35
N GLY B 21 29.29 -10.45 -7.46
CA GLY B 21 29.70 -11.70 -8.06
C GLY B 21 30.08 -12.77 -7.08
N PRO B 22 31.02 -13.64 -7.47
CA PRO B 22 31.47 -14.72 -6.59
C PRO B 22 32.00 -14.20 -5.27
N ASP B 23 33.01 -13.33 -5.35
CA ASP B 23 33.49 -12.60 -4.19
C ASP B 23 32.76 -11.27 -4.11
N LYS B 24 32.95 -10.55 -3.00
CA LYS B 24 32.33 -9.26 -2.74
C LYS B 24 30.83 -9.39 -2.51
N LEU B 25 30.25 -10.57 -2.74
CA LEU B 25 28.94 -10.88 -2.18
C LEU B 25 29.07 -11.38 -0.74
N PRO B 26 29.88 -12.42 -0.46
CA PRO B 26 30.02 -12.86 0.94
C PRO B 26 30.57 -11.76 1.83
N GLU B 27 31.55 -11.02 1.33
CA GLU B 27 32.13 -9.93 2.09
C GLU B 27 31.10 -8.85 2.38
N ALA B 28 30.30 -8.48 1.37
CA ALA B 28 29.29 -7.46 1.56
C ALA B 28 28.25 -7.89 2.57
N MET B 29 27.79 -9.14 2.49
CA MET B 29 26.79 -9.60 3.44
C MET B 29 27.36 -9.68 4.85
N VAL B 30 28.63 -10.10 4.96
CA VAL B 30 29.28 -10.17 6.27
C VAL B 30 29.37 -8.79 6.89
N GLN B 31 29.75 -7.79 6.09
CA GLN B 31 29.87 -6.43 6.62
C GLN B 31 28.51 -5.82 6.95
N ILE B 32 27.48 -6.13 6.17
CA ILE B 32 26.15 -5.65 6.50
C ILE B 32 25.68 -6.25 7.82
N ALA B 33 25.93 -7.55 8.01
CA ALA B 33 25.59 -8.18 9.28
C ALA B 33 26.37 -7.56 10.43
N LYS B 34 27.65 -7.26 10.22
CA LYS B 34 28.46 -6.65 11.27
C LYS B 34 27.92 -5.26 11.63
N PHE B 35 27.55 -4.47 10.62
CA PHE B 35 27.00 -3.15 10.88
C PHE B 35 25.67 -3.23 11.62
N PHE B 36 24.81 -4.18 11.25
CA PHE B 36 23.55 -4.36 11.96
C PHE B 36 23.78 -4.81 13.40
N ASN B 37 24.75 -5.69 13.63
CA ASN B 37 25.09 -6.08 15.00
C ASN B 37 25.63 -4.91 15.79
N SER B 38 26.41 -4.03 15.15
CA SER B 38 26.88 -2.82 15.83
C SER B 38 25.72 -1.89 16.18
N VAL B 39 24.74 -1.77 15.29
CA VAL B 39 23.57 -0.96 15.59
C VAL B 39 22.81 -1.54 16.78
N ARG B 40 22.64 -2.87 16.80
CA ARG B 40 22.01 -3.52 17.94
C ARG B 40 22.82 -3.31 19.22
N LYS B 41 24.15 -3.32 19.13
CA LYS B 41 24.98 -3.03 20.29
C LYS B 41 24.73 -1.62 20.79
N THR B 42 24.60 -0.66 19.87
CA THR B 42 24.32 0.72 20.26
C THR B 42 22.97 0.84 20.96
N ILE B 43 21.94 0.20 20.41
CA ILE B 43 20.62 0.30 21.04
C ILE B 43 20.60 -0.44 22.37
N ASN B 44 21.40 -1.50 22.52
CA ASN B 44 21.53 -2.15 23.82
C ASN B 44 22.23 -1.25 24.82
N GLU B 45 23.25 -0.52 24.37
CA GLU B 45 23.93 0.43 25.24
C GLU B 45 23.00 1.54 25.68
N ALA B 46 22.16 2.02 24.77
CA ALA B 46 21.16 3.03 25.10
C ALA B 46 20.17 2.48 26.13
N LYS B 47 19.75 1.23 25.95
CA LYS B 47 18.86 0.58 26.88
C LYS B 47 19.63 0.03 28.08
N SER B 48 20.36 0.90 28.78
CA SER B 48 21.14 0.50 29.94
C SER B 48 21.04 1.54 31.06
N SER C 4 19.07 11.14 32.66
CA SER C 4 20.34 11.51 32.04
C SER C 4 20.09 12.09 30.64
N MET C 5 18.95 11.75 30.06
CA MET C 5 18.56 12.29 28.77
C MET C 5 17.75 13.56 28.95
N LYS C 6 17.51 13.93 30.20
CA LYS C 6 16.65 15.07 30.54
C LYS C 6 17.22 16.40 30.05
N PRO C 7 18.51 16.72 30.29
CA PRO C 7 19.01 18.03 29.86
C PRO C 7 18.97 18.23 28.35
N HIS C 8 18.89 17.13 27.59
CA HIS C 8 18.87 17.22 26.14
C HIS C 8 17.47 17.03 25.54
N LEU C 9 16.57 16.34 26.22
CA LEU C 9 15.20 16.18 25.74
C LEU C 9 14.41 17.48 25.84
N ALA C 10 14.74 18.33 26.80
CA ALA C 10 14.12 19.64 26.88
C ALA C 10 14.46 20.50 25.66
N GLU C 11 15.73 20.49 25.24
CA GLU C 11 16.12 21.25 24.06
C GLU C 11 15.44 20.73 22.81
N LEU C 12 15.38 19.40 22.66
CA LEU C 12 14.71 18.84 21.50
C LEU C 12 13.24 19.21 21.50
N ARG C 13 12.59 19.16 22.68
CA ARG C 13 11.20 19.55 22.78
C ARG C 13 10.99 20.99 22.36
N GLN C 14 11.81 21.90 22.88
CA GLN C 14 11.67 23.32 22.58
C GLN C 14 11.94 23.64 21.11
N ARG C 15 12.99 23.06 20.53
CA ARG C 15 13.27 23.32 19.12
C ARG C 15 12.23 22.69 18.20
N LEU C 16 11.73 21.50 18.54
CA LEU C 16 10.63 20.94 17.76
C LEU C 16 9.37 21.78 17.88
N ALA C 17 9.11 22.38 19.05
CA ALA C 17 7.99 23.29 19.18
C ALA C 17 8.15 24.49 18.27
N ILE C 18 9.34 25.08 18.23
CA ILE C 18 9.55 26.23 17.34
C ILE C 18 9.39 25.83 15.88
N SER C 19 9.93 24.67 15.49
CA SER C 19 9.81 24.21 14.11
C SER C 19 8.35 23.95 13.75
N VAL C 20 7.59 23.32 14.65
CA VAL C 20 6.20 23.03 14.37
C VAL C 20 5.39 24.33 14.26
N LEU C 21 5.68 25.30 15.12
CA LEU C 21 5.01 26.60 15.01
C LEU C 21 5.34 27.27 13.69
N ALA C 22 6.59 27.19 13.26
CA ALA C 22 6.96 27.77 11.96
C ALA C 22 6.22 27.07 10.82
N VAL C 23 6.12 25.75 10.88
CA VAL C 23 5.40 25.02 9.83
C VAL C 23 3.93 25.42 9.82
N PHE C 24 3.32 25.57 10.99
CA PHE C 24 1.92 25.98 11.05
C PHE C 24 1.72 27.39 10.49
N VAL C 25 2.61 28.31 10.82
CA VAL C 25 2.50 29.67 10.28
C VAL C 25 2.67 29.65 8.77
N GLY C 26 3.62 28.85 8.28
CA GLY C 26 3.79 28.72 6.85
C GLY C 26 2.57 28.13 6.17
N PHE C 27 1.92 27.15 6.82
CA PHE C 27 0.71 26.57 6.27
C PHE C 27 -0.41 27.60 6.21
N ILE C 28 -0.53 28.43 7.24
CA ILE C 28 -1.54 29.49 7.22
C ILE C 28 -1.28 30.45 6.07
N ILE C 29 -0.03 30.90 5.93
CA ILE C 29 0.30 31.86 4.87
C ILE C 29 0.10 31.25 3.50
N ALA C 30 0.40 29.95 3.36
CA ALA C 30 0.25 29.29 2.06
C ALA C 30 -1.21 29.07 1.71
N PHE C 31 -2.02 28.61 2.67
CA PHE C 31 -3.44 28.43 2.41
C PHE C 31 -4.14 29.75 2.15
N THR C 32 -3.59 30.86 2.67
CA THR C 32 -4.10 32.16 2.29
C THR C 32 -3.93 32.41 0.79
N PHE C 33 -2.89 31.84 0.18
CA PHE C 33 -2.60 32.02 -1.24
C PHE C 33 -2.55 30.70 -1.99
N HIS C 34 -3.45 29.78 -1.67
CA HIS C 34 -3.42 28.48 -2.32
C HIS C 34 -3.77 28.56 -3.80
N ASN C 35 -4.57 29.56 -4.20
CA ASN C 35 -4.92 29.70 -5.61
C ASN C 35 -3.70 30.05 -6.45
N ALA C 36 -2.85 30.96 -5.96
CA ALA C 36 -1.66 31.32 -6.72
C ALA C 36 -0.70 30.14 -6.86
N ILE C 37 -0.49 29.38 -5.78
CA ILE C 37 0.40 28.23 -5.86
C ILE C 37 -0.19 27.16 -6.77
N LEU C 38 -1.51 26.95 -6.70
CA LEU C 38 -2.14 25.97 -7.56
C LEU C 38 -2.03 26.35 -9.03
N GLY C 39 -2.22 27.63 -9.33
CA GLY C 39 -2.03 28.10 -10.70
C GLY C 39 -0.60 27.95 -11.17
N TRP C 40 0.37 28.23 -10.30
CA TRP C 40 1.77 28.03 -10.64
C TRP C 40 2.06 26.56 -10.93
N ILE C 41 1.49 25.66 -10.13
CA ILE C 41 1.69 24.24 -10.35
C ILE C 41 1.06 23.79 -11.66
N THR C 42 -0.16 24.28 -11.94
CA THR C 42 -0.92 23.77 -13.08
C THR C 42 -0.63 24.49 -14.39
N LYS C 43 0.13 25.58 -14.37
CA LYS C 43 0.43 26.29 -15.61
C LYS C 43 1.10 25.42 -16.65
N PRO C 44 2.15 24.65 -16.34
CA PRO C 44 2.71 23.75 -17.37
C PRO C 44 1.71 22.75 -17.91
N LEU C 45 0.83 22.21 -17.04
CA LEU C 45 -0.14 21.24 -17.51
C LEU C 45 -1.14 21.86 -18.47
N ASN C 46 -1.65 23.05 -18.14
CA ASN C 46 -2.57 23.73 -19.03
C ASN C 46 -1.91 24.06 -20.36
N ASN C 47 -0.66 24.55 -20.31
CA ASN C 47 0.04 24.88 -21.54
C ASN C 47 0.25 23.65 -22.41
N ALA C 48 0.65 22.54 -21.79
CA ALA C 48 0.84 21.29 -22.54
C ALA C 48 -0.47 20.82 -23.15
N LEU C 49 -1.56 20.90 -22.40
CA LEU C 49 -2.85 20.46 -22.92
C LEU C 49 -3.30 21.32 -24.09
N ILE C 50 -3.09 22.64 -24.00
CA ILE C 50 -3.44 23.51 -25.11
C ILE C 50 -2.61 23.20 -26.35
N GLN C 51 -1.30 23.00 -26.17
CA GLN C 51 -0.46 22.66 -27.30
C GLN C 51 -0.85 21.33 -27.94
N VAL C 52 -1.16 20.34 -27.11
CA VAL C 52 -1.55 19.03 -27.64
C VAL C 52 -2.90 19.13 -28.35
N GLY C 53 -3.80 19.97 -27.84
CA GLY C 53 -5.05 20.20 -28.56
C GLY C 53 -4.81 20.84 -29.91
N LYS C 54 -3.86 21.78 -29.98
CA LYS C 54 -3.50 22.36 -31.27
C LYS C 54 -2.98 21.29 -32.23
N ILE C 55 -2.12 20.41 -31.73
CA ILE C 55 -1.57 19.34 -32.58
C ILE C 55 -2.69 18.41 -33.06
N VAL C 56 -3.60 18.05 -32.16
CA VAL C 56 -4.68 17.14 -32.52
C VAL C 56 -5.59 17.77 -33.56
N GLU C 57 -5.92 19.05 -33.39
CA GLU C 57 -6.75 19.73 -34.38
C GLU C 57 -6.03 19.85 -35.72
N LYS C 58 -4.70 20.05 -35.70
CA LYS C 58 -3.95 20.06 -36.95
C LYS C 58 -4.01 18.71 -37.65
N ARG C 59 -3.86 17.63 -36.88
CA ARG C 59 -3.87 16.30 -37.48
C ARG C 59 -5.24 15.94 -38.05
N GLU C 60 -6.30 16.14 -37.25
CA GLU C 60 -7.63 15.73 -37.68
C GLU C 60 -8.09 16.53 -38.90
N MET C 61 -7.80 17.82 -38.94
CA MET C 61 -8.23 18.66 -40.05
C MET C 61 -7.41 18.38 -41.30
N ASN C 156 -12.14 16.14 -25.73
CA ASN C 156 -10.95 16.89 -25.35
C ASN C 156 -10.48 16.48 -23.94
N GLY C 157 -9.30 16.96 -23.56
CA GLY C 157 -8.75 16.69 -22.25
C GLY C 157 -8.50 17.98 -21.49
N MET C 158 -8.50 17.88 -20.16
CA MET C 158 -8.30 19.03 -19.30
C MET C 158 -8.03 18.52 -17.88
N ILE C 159 -7.86 19.45 -16.95
CA ILE C 159 -7.66 19.12 -15.55
C ILE C 159 -9.01 18.86 -14.90
N THR C 160 -9.14 17.70 -14.26
CA THR C 160 -10.38 17.24 -13.65
C THR C 160 -10.13 16.87 -12.19
N THR C 161 -11.20 16.53 -11.48
CA THR C 161 -11.11 16.05 -10.11
C THR C 161 -11.99 14.82 -10.00
N HIS C 162 -11.38 13.67 -9.69
CA HIS C 162 -12.08 12.42 -9.61
C HIS C 162 -12.52 12.04 -8.20
N GLN C 163 -12.24 12.89 -7.21
CA GLN C 163 -12.66 12.68 -5.85
C GLN C 163 -13.46 13.88 -5.37
N VAL C 164 -14.45 13.63 -4.51
CA VAL C 164 -15.33 14.70 -4.06
C VAL C 164 -14.56 15.74 -3.28
N GLY C 165 -13.70 15.31 -2.37
CA GLY C 165 -12.90 16.20 -1.58
C GLY C 165 -11.50 16.36 -2.14
N GLY C 166 -11.32 16.00 -3.41
CA GLY C 166 -10.00 16.02 -4.00
C GLY C 166 -9.41 17.41 -4.12
N ALA C 167 -10.23 18.38 -4.51
CA ALA C 167 -9.74 19.75 -4.65
C ALA C 167 -9.29 20.33 -3.31
N PHE C 168 -10.12 20.15 -2.28
CA PHE C 168 -9.76 20.66 -0.96
C PHE C 168 -8.53 19.96 -0.41
N PHE C 169 -8.44 18.64 -0.61
CA PHE C 169 -7.27 17.91 -0.14
C PHE C 169 -6.01 18.34 -0.88
N VAL C 170 -6.13 18.59 -2.18
CA VAL C 170 -4.97 19.06 -2.96
C VAL C 170 -4.54 20.44 -2.49
N ALA C 171 -5.50 21.33 -2.22
CA ALA C 171 -5.16 22.65 -1.71
C ALA C 171 -4.44 22.54 -0.36
N LEU C 172 -4.95 21.68 0.53
CA LEU C 172 -4.30 21.49 1.82
C LEU C 172 -2.90 20.90 1.66
N LYS C 173 -2.74 19.93 0.75
CA LYS C 173 -1.43 19.31 0.53
C LYS C 173 -0.42 20.33 0.00
N VAL C 174 -0.85 21.16 -0.95
CA VAL C 174 0.03 22.17 -1.51
C VAL C 174 0.40 23.19 -0.45
N SER C 175 -0.58 23.62 0.36
CA SER C 175 -0.30 24.58 1.41
C SER C 175 0.65 23.99 2.47
N PHE C 176 0.48 22.71 2.80
CA PHE C 176 1.38 22.05 3.75
C PHE C 176 2.80 21.97 3.20
N PHE C 177 2.94 21.60 1.92
CA PHE C 177 4.26 21.53 1.31
C PHE C 177 4.92 22.91 1.29
N ALA C 178 4.16 23.94 0.91
CA ALA C 178 4.70 25.29 0.91
C ALA C 178 5.06 25.75 2.30
N GLY C 179 4.26 25.40 3.30
CA GLY C 179 4.59 25.77 4.67
C GLY C 179 5.87 25.11 5.15
N ILE C 180 6.06 23.84 4.82
CA ILE C 180 7.31 23.17 5.13
C ILE C 180 8.48 23.87 4.44
N LEU C 181 8.31 24.23 3.17
CA LEU C 181 9.40 24.85 2.43
C LEU C 181 9.77 26.21 3.02
N MET C 182 8.77 27.03 3.39
CA MET C 182 9.08 28.32 3.99
C MET C 182 9.58 28.21 5.42
N ALA C 183 9.22 27.15 6.13
CA ALA C 183 9.73 26.93 7.49
C ALA C 183 11.08 26.26 7.50
N MET C 184 11.54 25.73 6.36
CA MET C 184 12.85 25.09 6.28
C MET C 184 14.00 25.95 6.82
N PRO C 185 14.05 27.27 6.59
CA PRO C 185 15.05 28.08 7.31
C PRO C 185 15.03 27.88 8.81
N VAL C 186 13.86 28.05 9.43
CA VAL C 186 13.76 27.90 10.89
C VAL C 186 14.03 26.46 11.30
N ILE C 187 13.49 25.50 10.53
CA ILE C 187 13.68 24.09 10.86
C ILE C 187 15.16 23.73 10.88
N LEU C 188 15.89 24.09 9.82
CA LEU C 188 17.31 23.80 9.75
C LEU C 188 18.13 24.61 10.74
N TRP C 189 17.71 25.84 11.04
CA TRP C 189 18.40 26.63 12.06
C TRP C 189 18.33 25.93 13.42
N GLN C 190 17.13 25.51 13.83
CA GLN C 190 16.97 24.81 15.09
C GLN C 190 17.70 23.47 15.08
N LEU C 191 17.63 22.74 13.95
CA LEU C 191 18.29 21.45 13.87
C LEU C 191 19.81 21.59 14.00
N TRP C 192 20.39 22.58 13.32
CA TRP C 192 21.82 22.81 13.46
C TRP C 192 22.18 23.27 14.87
N LEU C 193 21.38 24.16 15.45
CA LEU C 193 21.65 24.61 16.81
C LEU C 193 21.58 23.48 17.82
N PHE C 194 20.75 22.47 17.59
CA PHE C 194 20.73 21.27 18.42
C PHE C 194 21.91 20.35 18.15
N ILE C 195 22.29 20.17 16.88
CA ILE C 195 23.39 19.26 16.53
C ILE C 195 24.75 19.91 16.65
N ALA C 196 24.83 21.24 16.65
CA ALA C 196 26.11 21.94 16.72
C ALA C 196 26.90 21.57 17.97
N PRO C 197 26.32 21.59 19.18
CA PRO C 197 27.15 21.14 20.32
C PRO C 197 27.12 19.63 20.47
N GLY C 198 27.26 18.95 19.33
CA GLY C 198 27.35 17.50 19.27
C GLY C 198 28.28 17.09 18.15
N LEU C 199 28.95 18.09 17.57
CA LEU C 199 29.88 17.88 16.48
C LEU C 199 31.22 18.49 16.85
N TYR C 200 32.30 17.86 16.41
CA TYR C 200 33.63 18.36 16.70
C TYR C 200 33.89 19.64 15.92
N ASP C 201 34.95 20.35 16.30
CA ASP C 201 35.22 21.66 15.73
C ASP C 201 35.83 21.53 14.33
N ASN C 202 35.77 20.35 13.75
CA ASN C 202 36.26 20.13 12.39
C ASN C 202 35.20 19.69 11.40
N GLU C 203 33.97 19.41 11.83
CA GLU C 203 32.92 19.06 10.89
C GLU C 203 31.98 20.22 10.58
N LYS C 204 31.97 21.28 11.41
CA LYS C 204 31.17 22.46 11.11
C LYS C 204 31.65 23.14 9.84
N LYS C 205 32.98 23.24 9.70
CA LYS C 205 33.60 23.91 8.55
C LYS C 205 33.22 23.20 7.27
N MET C 206 32.94 21.90 7.35
CA MET C 206 32.46 21.18 6.18
C MET C 206 30.95 21.34 6.01
N VAL C 207 30.19 21.19 7.10
CA VAL C 207 28.74 21.12 6.97
C VAL C 207 28.13 22.44 6.52
N LEU C 208 28.75 23.57 6.88
CA LEU C 208 28.11 24.84 6.52
C LEU C 208 28.14 25.09 5.01
N PRO C 209 29.31 25.14 4.36
CA PRO C 209 29.30 25.35 2.91
C PRO C 209 28.57 24.26 2.15
N PHE C 210 28.64 23.02 2.62
CA PHE C 210 27.92 21.92 1.98
C PHE C 210 26.42 22.17 2.01
N VAL C 211 25.88 22.55 3.17
CA VAL C 211 24.45 22.79 3.30
C VAL C 211 24.03 23.97 2.43
N VAL C 212 24.82 25.05 2.45
CA VAL C 212 24.50 26.25 1.68
C VAL C 212 24.49 25.93 0.19
N GLY C 213 25.55 25.29 -0.31
CA GLY C 213 25.62 24.96 -1.72
C GLY C 213 24.55 23.97 -2.13
N GLY C 214 24.24 23.02 -1.25
CA GLY C 214 23.16 22.10 -1.54
C GLY C 214 21.82 22.78 -1.67
N SER C 215 21.55 23.76 -0.79
CA SER C 215 20.30 24.51 -0.88
C SER C 215 20.24 25.32 -2.17
N VAL C 216 21.33 25.99 -2.52
CA VAL C 216 21.35 26.80 -3.74
C VAL C 216 21.15 25.92 -4.96
N MET C 217 21.85 24.78 -5.00
CA MET C 217 21.72 23.89 -6.15
C MET C 217 20.37 23.21 -6.21
N PHE C 218 19.75 22.94 -5.06
CA PHE C 218 18.39 22.44 -5.05
C PHE C 218 17.42 23.45 -5.64
N LEU C 219 17.58 24.72 -5.26
CA LEU C 219 16.73 25.77 -5.83
C LEU C 219 16.95 25.88 -7.34
N ILE C 220 18.20 25.84 -7.77
CA ILE C 220 18.53 25.94 -9.19
C ILE C 220 17.92 24.77 -9.95
N GLY C 221 18.01 23.57 -9.36
CA GLY C 221 17.45 22.40 -10.00
C GLY C 221 15.93 22.45 -10.11
N VAL C 222 15.26 22.93 -9.05
CA VAL C 222 13.81 23.05 -9.09
C VAL C 222 13.39 24.06 -10.15
N LEU C 223 14.09 25.20 -10.21
CA LEU C 223 13.78 26.19 -11.24
C LEU C 223 14.02 25.64 -12.64
N PHE C 224 15.12 24.91 -12.83
CA PHE C 224 15.42 24.32 -14.13
C PHE C 224 14.35 23.30 -14.52
N ALA C 225 13.90 22.49 -13.55
CA ALA C 225 12.86 21.51 -13.84
C ALA C 225 11.55 22.19 -14.22
N TYR C 226 11.17 23.24 -13.50
CA TYR C 226 9.91 23.91 -13.79
C TYR C 226 9.95 24.61 -15.14
N TYR C 227 11.06 25.28 -15.46
CA TYR C 227 11.08 26.18 -16.59
C TYR C 227 11.70 25.60 -17.86
N VAL C 228 12.52 24.57 -17.76
CA VAL C 228 13.19 24.06 -18.95
C VAL C 228 12.82 22.60 -19.21
N VAL C 229 12.48 21.86 -18.17
CA VAL C 229 12.22 20.43 -18.31
C VAL C 229 10.72 20.18 -18.40
N THR C 230 9.97 20.71 -17.44
CA THR C 230 8.54 20.45 -17.39
C THR C 230 7.79 20.89 -18.66
N PRO C 231 8.03 22.07 -19.24
CA PRO C 231 7.29 22.43 -20.47
C PRO C 231 7.50 21.44 -21.60
N PHE C 232 8.70 20.88 -21.74
CA PHE C 232 8.94 19.92 -22.82
C PHE C 232 8.50 18.51 -22.42
N GLY C 233 8.80 18.11 -21.19
CA GLY C 233 8.43 16.77 -20.76
C GLY C 233 6.93 16.54 -20.74
N PHE C 234 6.19 17.51 -20.22
CA PHE C 234 4.73 17.37 -20.19
C PHE C 234 4.15 17.31 -21.60
N GLN C 235 4.67 18.14 -22.50
CA GLN C 235 4.19 18.12 -23.87
C GLN C 235 4.47 16.76 -24.52
N PHE C 236 5.68 16.23 -24.34
CA PHE C 236 6.01 14.94 -24.91
C PHE C 236 5.12 13.84 -24.34
N LEU C 237 4.91 13.86 -23.03
CA LEU C 237 4.12 12.80 -22.39
C LEU C 237 2.66 12.86 -22.83
N ILE C 238 2.09 14.06 -22.92
CA ILE C 238 0.69 14.16 -23.34
C ILE C 238 0.54 13.83 -24.82
N THR C 239 1.50 14.26 -25.65
CA THR C 239 1.45 13.92 -27.06
C THR C 239 1.67 12.43 -27.31
N PHE C 240 2.32 11.74 -26.37
CA PHE C 240 2.55 10.31 -26.56
C PHE C 240 1.23 9.54 -26.62
N GLY C 241 0.36 9.74 -25.64
CA GLY C 241 -0.96 9.14 -25.67
C GLY C 241 -2.02 10.06 -26.22
N SER C 242 -1.77 10.67 -27.38
CA SER C 242 -2.71 11.61 -27.98
C SER C 242 -3.58 10.98 -29.04
N PHE C 243 -3.04 10.08 -29.85
CA PHE C 243 -3.80 9.43 -30.90
C PHE C 243 -4.49 8.15 -30.44
N LEU C 244 -4.33 7.78 -29.17
CA LEU C 244 -5.00 6.62 -28.61
C LEU C 244 -5.98 6.98 -27.50
N TYR C 245 -5.56 7.82 -26.56
CA TYR C 245 -6.37 8.14 -25.39
C TYR C 245 -6.63 9.63 -25.30
N THR C 246 -7.51 9.99 -24.36
CA THR C 246 -7.89 11.38 -24.10
C THR C 246 -7.32 11.81 -22.76
N PRO C 247 -6.55 12.90 -22.71
CA PRO C 247 -5.87 13.26 -21.46
C PRO C 247 -6.76 13.95 -20.45
N LEU C 248 -7.53 13.20 -19.68
CA LEU C 248 -8.35 13.75 -18.60
C LEU C 248 -7.55 13.72 -17.30
N ILE C 249 -6.65 14.68 -17.15
CA ILE C 249 -5.64 14.61 -16.11
C ILE C 249 -6.22 15.09 -14.79
N ASN C 250 -6.08 14.27 -13.74
CA ASN C 250 -6.65 14.60 -12.45
C ASN C 250 -5.59 15.24 -11.56
N ILE C 251 -6.03 16.20 -10.75
CA ILE C 251 -5.09 17.02 -9.97
C ILE C 251 -4.44 16.23 -8.85
N GLU C 252 -5.15 15.24 -8.29
CA GLU C 252 -4.64 14.53 -7.12
C GLU C 252 -3.33 13.81 -7.43
N ASP C 253 -3.29 13.07 -8.54
CA ASP C 253 -2.05 12.40 -8.94
C ASP C 253 -1.04 13.35 -9.57
N TYR C 254 -1.52 14.38 -10.27
CA TYR C 254 -0.62 15.34 -10.90
C TYR C 254 0.19 16.11 -9.87
N VAL C 255 -0.41 16.43 -8.73
CA VAL C 255 0.33 17.17 -7.69
C VAL C 255 1.51 16.36 -7.19
N GLY C 256 1.26 15.08 -6.89
CA GLY C 256 2.35 14.21 -6.47
C GLY C 256 3.41 14.04 -7.54
N PHE C 257 2.97 13.86 -8.78
CA PHE C 257 3.92 13.71 -9.89
C PHE C 257 4.79 14.96 -10.04
N PHE C 258 4.18 16.14 -9.97
CA PHE C 258 4.92 17.39 -10.12
C PHE C 258 5.90 17.60 -8.99
N THR C 259 5.46 17.37 -7.75
CA THR C 259 6.36 17.53 -6.61
C THR C 259 7.52 16.53 -6.69
N LYS C 260 7.23 15.30 -7.11
CA LYS C 260 8.30 14.31 -7.25
C LYS C 260 9.31 14.73 -8.30
N ILE C 261 8.84 15.25 -9.44
CA ILE C 261 9.77 15.72 -10.46
C ILE C 261 10.65 16.85 -9.92
N LEU C 262 10.03 17.82 -9.23
CA LEU C 262 10.78 18.96 -8.74
C LEU C 262 11.83 18.54 -7.71
N ILE C 263 11.43 17.71 -6.75
CA ILE C 263 12.37 17.25 -5.71
C ILE C 263 13.47 16.40 -6.33
N GLY C 264 13.11 15.52 -7.26
CA GLY C 264 14.11 14.68 -7.89
C GLY C 264 15.13 15.48 -8.67
N PHE C 265 14.68 16.53 -9.38
CA PHE C 265 15.64 17.36 -10.10
C PHE C 265 16.50 18.17 -9.15
N GLY C 266 15.94 18.64 -8.04
CA GLY C 266 16.77 19.30 -7.04
C GLY C 266 17.86 18.40 -6.51
N ILE C 267 17.52 17.15 -6.21
CA ILE C 267 18.52 16.20 -5.72
C ILE C 267 19.52 15.85 -6.81
N ALA C 268 19.04 15.73 -8.05
CA ALA C 268 19.92 15.41 -9.18
C ALA C 268 20.83 16.57 -9.53
N PHE C 269 20.54 17.76 -9.03
CA PHE C 269 21.46 18.88 -9.13
C PHE C 269 22.39 18.98 -7.93
N GLU C 270 21.93 18.54 -6.74
CA GLU C 270 22.79 18.53 -5.56
C GLU C 270 23.84 17.44 -5.56
N LEU C 271 23.54 16.24 -6.07
CA LEU C 271 24.55 15.17 -6.04
C LEU C 271 25.78 15.49 -6.87
N PRO C 272 25.66 15.99 -8.13
CA PRO C 272 26.87 16.31 -8.89
C PRO C 272 27.59 17.57 -8.44
N VAL C 273 27.09 18.25 -7.42
CA VAL C 273 27.83 19.37 -6.83
C VAL C 273 28.43 18.88 -5.52
N VAL C 274 27.74 17.94 -4.86
CA VAL C 274 28.33 17.29 -3.69
C VAL C 274 29.55 16.50 -4.10
N ALA C 275 29.51 15.85 -5.27
CA ALA C 275 30.66 15.11 -5.76
C ALA C 275 31.85 16.04 -5.99
N TYR C 276 31.60 17.21 -6.58
CA TYR C 276 32.66 18.19 -6.79
C TYR C 276 33.21 18.68 -5.46
N PHE C 277 32.33 18.96 -4.50
CA PHE C 277 32.77 19.46 -3.20
C PHE C 277 33.66 18.44 -2.50
N LEU C 278 33.25 17.17 -2.52
CA LEU C 278 34.08 16.13 -1.92
C LEU C 278 35.39 15.97 -2.67
N ALA C 279 35.36 16.02 -3.99
CA ALA C 279 36.57 15.85 -4.78
C ALA C 279 37.56 16.99 -4.59
N LEU C 280 37.07 18.18 -4.21
CA LEU C 280 38.00 19.27 -3.89
C LEU C 280 38.91 18.90 -2.73
N LEU C 281 38.35 18.37 -1.65
CA LEU C 281 39.14 18.10 -0.44
C LEU C 281 39.79 16.72 -0.45
N GLY C 282 40.42 16.34 -1.55
CA GLY C 282 41.13 15.08 -1.65
C GLY C 282 40.40 13.87 -1.14
N LEU C 283 39.07 13.94 -1.03
CA LEU C 283 38.31 12.88 -0.37
C LEU C 283 38.06 11.72 -1.33
N ILE C 284 37.36 12.00 -2.43
CA ILE C 284 37.07 10.97 -3.41
C ILE C 284 37.73 11.35 -4.73
N THR C 285 38.31 10.35 -5.40
CA THR C 285 38.91 10.55 -6.72
C THR C 285 38.23 9.60 -7.69
N ASP C 286 38.71 9.57 -8.92
CA ASP C 286 38.10 8.75 -9.95
C ASP C 286 38.18 7.27 -9.60
N LYS C 287 39.35 6.83 -9.14
CA LYS C 287 39.52 5.42 -8.77
C LYS C 287 38.61 5.06 -7.60
N THR C 288 38.45 5.97 -6.65
CA THR C 288 37.59 5.75 -5.49
C THR C 288 36.13 5.68 -5.93
N LEU C 289 35.81 6.24 -7.09
CA LEU C 289 34.45 6.23 -7.61
C LEU C 289 34.17 5.07 -8.54
N LYS C 290 35.19 4.38 -9.04
CA LYS C 290 35.02 3.21 -9.90
C LYS C 290 35.30 1.92 -9.17
N ASP C 291 35.59 2.00 -7.87
CA ASP C 291 35.77 0.83 -7.04
C ASP C 291 34.62 0.57 -6.09
N TYR C 292 33.87 1.61 -5.72
CA TYR C 292 32.67 1.46 -4.91
C TYR C 292 31.41 1.53 -5.77
N PHE C 293 31.58 1.47 -7.10
CA PHE C 293 30.43 1.41 -8.00
C PHE C 293 29.63 0.13 -7.75
N LYS C 294 30.32 -0.96 -7.44
CA LYS C 294 29.65 -2.24 -7.24
C LYS C 294 28.62 -2.17 -6.13
N TYR C 295 28.97 -1.56 -5.00
CA TYR C 295 28.01 -1.33 -3.95
C TYR C 295 27.11 -0.13 -4.24
N ALA C 296 27.59 0.80 -5.06
CA ALA C 296 26.82 1.99 -5.38
C ALA C 296 25.55 1.63 -6.14
N ILE C 297 25.63 0.68 -7.07
CA ILE C 297 24.45 0.30 -7.83
C ILE C 297 23.42 -0.40 -6.94
N VAL C 298 23.89 -1.23 -6.00
CA VAL C 298 22.98 -1.89 -5.07
C VAL C 298 22.29 -0.85 -4.18
N ILE C 299 23.05 0.13 -3.68
CA ILE C 299 22.45 1.18 -2.87
C ILE C 299 21.47 2.00 -3.71
N ILE C 300 21.79 2.21 -4.98
CA ILE C 300 20.89 2.95 -5.87
C ILE C 300 19.57 2.20 -6.02
N PHE C 301 19.63 0.89 -6.22
CA PHE C 301 18.41 0.12 -6.36
C PHE C 301 17.62 0.04 -5.06
N LEU C 302 18.30 -0.02 -3.92
CA LEU C 302 17.59 0.04 -2.65
C LEU C 302 16.87 1.37 -2.49
N LEU C 303 17.54 2.48 -2.84
CA LEU C 303 16.90 3.77 -2.79
C LEU C 303 15.69 3.84 -3.72
N ALA C 304 15.85 3.29 -4.93
CA ALA C 304 14.74 3.29 -5.89
C ALA C 304 13.56 2.51 -5.33
N ALA C 305 13.83 1.39 -4.68
CA ALA C 305 12.76 0.62 -4.05
C ALA C 305 12.09 1.43 -2.93
N PHE C 306 12.88 2.17 -2.16
CA PHE C 306 12.33 3.00 -1.11
C PHE C 306 11.40 4.08 -1.66
N LEU C 307 11.85 4.82 -2.66
CA LEU C 307 11.18 6.03 -3.11
C LEU C 307 10.08 5.78 -4.14
N THR C 308 9.88 4.54 -4.56
CA THR C 308 8.87 4.21 -5.56
C THR C 308 7.94 3.12 -5.04
N PRO C 309 6.73 3.03 -5.58
CA PRO C 309 5.80 1.95 -5.22
C PRO C 309 6.43 0.58 -5.46
N PRO C 310 5.80 -0.49 -4.97
CA PRO C 310 6.42 -1.83 -5.09
C PRO C 310 6.56 -2.32 -6.52
N ASP C 311 6.18 -1.51 -7.51
CA ASP C 311 6.34 -1.89 -8.90
C ASP C 311 7.82 -1.94 -9.28
N VAL C 312 8.19 -2.96 -10.04
CA VAL C 312 9.57 -3.12 -10.47
C VAL C 312 9.94 -2.06 -11.51
N LEU C 313 9.02 -1.77 -12.43
CA LEU C 313 9.32 -0.84 -13.52
C LEU C 313 9.62 0.55 -12.98
N THR C 314 8.87 0.99 -11.96
CA THR C 314 9.18 2.26 -11.33
C THR C 314 10.54 2.24 -10.67
N GLN C 315 10.91 1.13 -10.03
CA GLN C 315 12.24 1.03 -9.43
C GLN C 315 13.34 1.16 -10.49
N LEU C 316 13.18 0.48 -11.62
CA LEU C 316 14.17 0.58 -12.69
C LEU C 316 14.23 1.98 -13.27
N LEU C 317 13.06 2.60 -13.49
CA LEU C 317 12.99 3.94 -14.04
C LEU C 317 13.53 5.00 -13.09
N MET C 318 13.58 4.70 -11.79
CA MET C 318 14.22 5.58 -10.84
C MET C 318 15.71 5.29 -10.67
N ALA C 319 16.13 4.05 -10.87
CA ALA C 319 17.54 3.69 -10.76
C ALA C 319 18.35 4.13 -11.97
N ALA C 320 17.74 4.19 -13.16
CA ALA C 320 18.50 4.59 -14.34
C ALA C 320 19.02 6.03 -14.24
N PRO C 321 18.21 7.04 -13.89
CA PRO C 321 18.78 8.40 -13.73
C PRO C 321 19.82 8.47 -12.63
N LEU C 322 19.66 7.68 -11.56
CA LEU C 322 20.67 7.65 -10.52
C LEU C 322 22.00 7.11 -11.05
N ILE C 323 21.93 6.07 -11.88
CA ILE C 323 23.13 5.54 -12.52
C ILE C 323 23.77 6.58 -13.43
N LEU C 324 22.97 7.33 -14.19
CA LEU C 324 23.51 8.40 -15.02
C LEU C 324 24.15 9.51 -14.19
N LEU C 325 23.55 9.88 -13.06
CA LEU C 325 24.14 10.86 -12.17
C LEU C 325 25.47 10.38 -11.61
N TYR C 326 25.54 9.09 -11.23
CA TYR C 326 26.81 8.53 -10.78
C TYR C 326 27.86 8.56 -11.88
N GLY C 327 27.47 8.24 -13.12
CA GLY C 327 28.40 8.33 -14.23
C GLY C 327 28.92 9.74 -14.45
N LEU C 328 28.03 10.73 -14.36
CA LEU C 328 28.45 12.12 -14.44
C LEU C 328 29.38 12.49 -13.30
N SER C 329 29.10 11.99 -12.10
CA SER C 329 29.96 12.25 -10.96
C SER C 329 31.36 11.71 -11.20
N ILE C 330 31.46 10.56 -11.86
CA ILE C 330 32.78 10.02 -12.17
C ILE C 330 33.58 11.00 -13.02
N LEU C 331 32.95 11.56 -14.06
CA LEU C 331 33.65 12.52 -14.90
C LEU C 331 34.01 13.78 -14.13
N ILE C 332 33.10 14.24 -13.27
CA ILE C 332 33.35 15.46 -12.51
C ILE C 332 34.56 15.29 -11.59
N VAL C 333 34.63 14.16 -10.90
CA VAL C 333 35.79 13.92 -10.05
C VAL C 333 37.02 13.59 -10.87
N HIS C 334 36.84 13.18 -12.13
CA HIS C 334 38.00 12.95 -12.99
C HIS C 334 38.64 14.26 -13.43
N TYR C 335 37.83 15.27 -13.70
CA TYR C 335 38.35 16.58 -14.12
C TYR C 335 38.43 17.58 -12.97
N VAL C 336 38.23 17.16 -11.73
CA VAL C 336 38.33 18.05 -10.58
C VAL C 336 39.78 18.51 -10.40
N MET D 1 1.58 -6.05 4.75
CA MET D 1 2.61 -7.03 4.47
C MET D 1 2.49 -7.57 3.06
N PHE D 2 3.07 -6.84 2.10
CA PHE D 2 3.06 -7.22 0.69
C PHE D 2 1.63 -7.38 0.17
N GLY D 3 0.81 -6.37 0.41
CA GLY D 3 -0.58 -6.41 -0.04
C GLY D 3 -1.53 -7.15 0.88
N MET D 4 -1.09 -7.51 2.07
CA MET D 4 -1.89 -8.26 3.03
C MET D 4 -2.28 -7.37 4.20
N GLY D 5 -3.58 -7.35 4.52
CA GLY D 5 -4.09 -6.59 5.65
C GLY D 5 -4.46 -7.48 6.82
N PHE D 6 -4.80 -6.82 7.92
CA PHE D 6 -5.21 -7.54 9.13
C PHE D 6 -6.56 -8.22 8.95
N SER D 7 -7.47 -7.57 8.22
CA SER D 7 -8.80 -8.15 7.99
C SER D 7 -8.69 -9.45 7.23
N GLU D 8 -7.74 -9.53 6.30
CA GLU D 8 -7.52 -10.78 5.57
C GLU D 8 -7.03 -11.88 6.51
N ILE D 9 -6.16 -11.54 7.46
CA ILE D 9 -5.71 -12.47 8.48
C ILE D 9 -6.90 -12.98 9.28
N LEU D 10 -7.80 -12.08 9.64
CA LEU D 10 -9.00 -12.49 10.37
C LEU D 10 -9.89 -13.41 9.53
N VAL D 11 -10.02 -13.14 8.24
CA VAL D 11 -10.80 -14.03 7.37
C VAL D 11 -10.18 -15.40 7.30
N ILE D 12 -8.86 -15.47 7.13
CA ILE D 12 -8.18 -16.77 7.13
C ILE D 12 -8.35 -17.50 8.45
N ALA D 13 -8.25 -16.81 9.58
CA ALA D 13 -8.53 -17.44 10.87
C ALA D 13 -9.96 -17.93 10.99
N LEU D 14 -10.92 -17.16 10.46
CA LEU D 14 -12.31 -17.61 10.43
C LEU D 14 -12.44 -18.92 9.68
N VAL D 15 -11.86 -18.98 8.47
CA VAL D 15 -11.89 -20.21 7.70
C VAL D 15 -11.22 -21.36 8.42
N ALA D 16 -10.09 -21.10 9.07
CA ALA D 16 -9.36 -22.12 9.81
C ALA D 16 -10.19 -22.70 10.96
N ILE D 17 -10.88 -21.84 11.71
CA ILE D 17 -11.72 -22.33 12.79
C ILE D 17 -12.92 -23.07 12.23
N LEU D 18 -13.47 -22.59 11.11
CA LEU D 18 -14.69 -23.19 10.57
C LEU D 18 -14.44 -24.58 10.01
N PHE D 19 -13.41 -24.73 9.19
CA PHE D 19 -13.26 -25.96 8.42
C PHE D 19 -12.45 -27.03 9.14
N LEU D 20 -11.33 -26.67 9.76
CA LEU D 20 -10.57 -27.63 10.53
C LEU D 20 -11.29 -27.91 11.85
N GLY D 21 -11.50 -26.87 12.66
CA GLY D 21 -12.38 -26.96 13.80
C GLY D 21 -11.67 -27.29 15.10
N PRO D 22 -12.37 -28.02 15.98
CA PRO D 22 -11.79 -28.38 17.29
C PRO D 22 -10.46 -29.10 17.15
N ASP D 23 -10.47 -30.23 16.47
CA ASP D 23 -9.25 -30.94 16.14
C ASP D 23 -8.75 -30.45 14.78
N LYS D 24 -7.53 -30.83 14.43
CA LYS D 24 -6.86 -30.46 13.18
C LYS D 24 -6.50 -28.99 13.12
N LEU D 25 -6.95 -28.19 14.09
CA LEU D 25 -6.40 -26.85 14.26
C LEU D 25 -5.14 -26.90 15.11
N PRO D 26 -5.14 -27.56 16.30
CA PRO D 26 -3.90 -27.71 17.04
C PRO D 26 -2.84 -28.44 16.24
N GLU D 27 -3.27 -29.48 15.52
CA GLU D 27 -2.33 -30.23 14.68
C GLU D 27 -1.75 -29.35 13.58
N ALA D 28 -2.61 -28.54 12.93
CA ALA D 28 -2.15 -27.68 11.86
C ALA D 28 -1.15 -26.66 12.38
N MET D 29 -1.45 -26.02 13.52
CA MET D 29 -0.53 -25.03 14.05
C MET D 29 0.78 -25.68 14.50
N VAL D 30 0.71 -26.87 15.09
CA VAL D 30 1.91 -27.57 15.52
C VAL D 30 2.80 -27.88 14.32
N GLN D 31 2.19 -28.37 13.24
CA GLN D 31 2.98 -28.70 12.06
C GLN D 31 3.53 -27.46 11.38
N ILE D 32 2.79 -26.36 11.37
CA ILE D 32 3.33 -25.12 10.81
C ILE D 32 4.53 -24.65 11.62
N ALA D 33 4.43 -24.71 12.95
CA ALA D 33 5.56 -24.34 13.79
C ALA D 33 6.76 -25.26 13.54
N LYS D 34 6.51 -26.56 13.39
CA LYS D 34 7.59 -27.49 13.11
C LYS D 34 8.27 -27.19 11.79
N PHE D 35 7.47 -26.89 10.75
CA PHE D 35 8.03 -26.55 9.45
C PHE D 35 8.87 -25.28 9.53
N PHE D 36 8.38 -24.26 10.23
CA PHE D 36 9.16 -23.03 10.38
C PHE D 36 10.44 -23.26 11.18
N ASN D 37 10.40 -24.11 12.21
CA ASN D 37 11.61 -24.45 12.94
C ASN D 37 12.60 -25.20 12.06
N SER D 38 12.11 -26.07 11.18
CA SER D 38 12.99 -26.74 10.22
C SER D 38 13.61 -25.75 9.25
N VAL D 39 12.84 -24.76 8.80
CA VAL D 39 13.38 -23.73 7.91
C VAL D 39 14.47 -22.95 8.63
N ARG D 40 14.24 -22.59 9.90
CA ARG D 40 15.27 -21.90 10.67
C ARG D 40 16.51 -22.77 10.87
N LYS D 41 16.31 -24.08 11.08
CA LYS D 41 17.45 -24.98 11.17
C LYS D 41 18.25 -25.00 9.88
N THR D 42 17.56 -24.98 8.74
CA THR D 42 18.26 -24.96 7.45
C THR D 42 19.05 -23.68 7.29
N ILE D 43 18.46 -22.53 7.63
CA ILE D 43 19.18 -21.27 7.45
C ILE D 43 20.33 -21.17 8.44
N ASN D 44 20.21 -21.81 9.61
CA ASN D 44 21.34 -21.88 10.54
C ASN D 44 22.44 -22.76 9.99
N GLU D 45 22.07 -23.88 9.36
CA GLU D 45 23.07 -24.76 8.76
C GLU D 45 23.80 -24.05 7.62
N ALA D 46 23.08 -23.25 6.85
CA ALA D 46 23.69 -22.48 5.77
C ALA D 46 24.72 -21.50 6.33
N LYS D 47 24.41 -20.88 7.46
CA LYS D 47 25.34 -19.96 8.11
C LYS D 47 26.31 -20.72 9.00
N SER D 48 27.11 -21.59 8.39
CA SER D 48 28.10 -22.37 9.14
C SER D 48 29.40 -22.50 8.35
N MET E 1 3.24 -0.87 7.24
CA MET E 1 2.65 -1.65 8.31
C MET E 1 1.15 -1.40 8.42
N PHE E 2 0.38 -2.05 7.54
CA PHE E 2 -1.08 -1.94 7.51
C PHE E 2 -1.52 -0.49 7.30
N GLY E 3 -1.00 0.13 6.25
CA GLY E 3 -1.35 1.50 5.93
C GLY E 3 -0.61 2.55 6.74
N MET E 4 0.47 2.18 7.41
CA MET E 4 1.22 3.10 8.25
C MET E 4 2.58 3.37 7.60
N GLY E 5 2.99 4.63 7.58
CA GLY E 5 4.28 5.03 7.05
C GLY E 5 5.26 5.46 8.13
N PHE E 6 6.50 5.67 7.69
CA PHE E 6 7.53 6.13 8.61
C PHE E 6 7.33 7.58 9.03
N SER E 7 6.86 8.42 8.11
CA SER E 7 6.62 9.82 8.45
C SER E 7 5.57 9.94 9.53
N GLU E 8 4.60 9.02 9.53
CA GLU E 8 3.61 8.99 10.60
C GLU E 8 4.25 8.65 11.94
N ILE E 9 5.21 7.72 11.92
CA ILE E 9 5.96 7.37 13.13
C ILE E 9 6.66 8.62 13.65
N LEU E 10 7.25 9.38 12.74
CA LEU E 10 7.92 10.63 13.13
C LEU E 10 6.94 11.65 13.70
N VAL E 11 5.75 11.77 13.12
CA VAL E 11 4.75 12.71 13.65
C VAL E 11 4.32 12.30 15.05
N ILE E 12 4.07 11.01 15.27
CA ILE E 12 3.72 10.53 16.60
C ILE E 12 4.85 10.75 17.60
N ALA E 13 6.10 10.51 17.20
CA ALA E 13 7.23 10.80 18.07
C ALA E 13 7.35 12.28 18.39
N LEU E 14 7.13 13.15 17.40
CA LEU E 14 7.16 14.59 17.65
C LEU E 14 6.09 14.99 18.66
N VAL E 15 4.88 14.44 18.49
CA VAL E 15 3.80 14.70 19.44
C VAL E 15 4.18 14.22 20.83
N ALA E 16 4.77 13.03 20.93
CA ALA E 16 5.17 12.47 22.21
C ALA E 16 6.22 13.33 22.91
N ILE E 17 7.22 13.80 22.17
CA ILE E 17 8.24 14.65 22.77
C ILE E 17 7.65 16.00 23.17
N LEU E 18 6.75 16.53 22.34
CA LEU E 18 6.18 17.85 22.61
C LEU E 18 5.31 17.85 23.85
N PHE E 19 4.39 16.88 23.94
CA PHE E 19 3.36 16.93 24.98
C PHE E 19 3.80 16.30 26.29
N LEU E 20 4.42 15.12 26.24
CA LEU E 20 4.92 14.52 27.46
C LEU E 20 6.18 15.25 27.93
N GLY E 21 7.23 15.24 27.10
CA GLY E 21 8.37 16.09 27.34
C GLY E 21 9.51 15.41 28.07
N PRO E 22 10.21 16.18 28.91
CA PRO E 22 11.36 15.64 29.64
C PRO E 22 11.00 14.42 30.46
N ASP E 23 10.04 14.57 31.37
CA ASP E 23 9.49 13.46 32.11
C ASP E 23 8.24 12.96 31.38
N LYS E 24 7.71 11.83 31.82
CA LYS E 24 6.54 11.17 31.25
C LYS E 24 6.80 10.61 29.85
N LEU E 25 7.96 10.92 29.26
CA LEU E 25 8.41 10.16 28.09
C LEU E 25 9.11 8.88 28.54
N PRO E 26 10.13 8.96 29.43
CA PRO E 26 10.74 7.72 29.94
C PRO E 26 9.73 6.83 30.64
N GLU E 27 8.82 7.43 31.41
CA GLU E 27 7.82 6.65 32.13
C GLU E 27 6.87 5.97 31.15
N ALA E 28 6.42 6.69 30.13
CA ALA E 28 5.52 6.10 29.14
C ALA E 28 6.20 4.96 28.40
N MET E 29 7.46 5.15 28.00
CA MET E 29 8.17 4.08 27.32
C MET E 29 8.36 2.87 28.22
N VAL E 30 8.68 3.11 29.50
CA VAL E 30 8.87 2.00 30.44
C VAL E 30 7.57 1.21 30.59
N GLN E 31 6.45 1.92 30.72
CA GLN E 31 5.18 1.22 30.89
C GLN E 31 4.74 0.50 29.62
N ILE E 32 5.03 1.07 28.45
CA ILE E 32 4.71 0.37 27.21
C ILE E 32 5.53 -0.92 27.10
N ALA E 33 6.82 -0.84 27.46
CA ALA E 33 7.64 -2.04 27.45
C ALA E 33 7.12 -3.08 28.45
N LYS E 34 6.69 -2.62 29.64
CA LYS E 34 6.14 -3.54 30.62
C LYS E 34 4.87 -4.22 30.11
N PHE E 35 4.00 -3.45 29.46
CA PHE E 35 2.77 -4.03 28.92
C PHE E 35 3.06 -5.05 27.83
N PHE E 36 4.02 -4.73 26.95
CA PHE E 36 4.40 -5.70 25.92
C PHE E 36 5.02 -6.96 26.50
N ASN E 37 5.85 -6.82 27.55
CA ASN E 37 6.40 -7.99 28.22
C ASN E 37 5.31 -8.82 28.87
N SER E 38 4.29 -8.17 29.44
CA SER E 38 3.16 -8.90 30.00
C SER E 38 2.38 -9.64 28.91
N VAL E 39 2.21 -9.02 27.75
CA VAL E 39 1.53 -9.70 26.64
C VAL E 39 2.33 -10.93 26.21
N ARG E 40 3.65 -10.79 26.12
CA ARG E 40 4.50 -11.93 25.80
C ARG E 40 4.41 -13.01 26.86
N LYS E 41 4.34 -12.62 28.13
CA LYS E 41 4.15 -13.61 29.19
C LYS E 41 2.83 -14.35 29.02
N THR E 42 1.77 -13.64 28.64
CA THR E 42 0.48 -14.28 28.42
C THR E 42 0.56 -15.28 27.28
N ILE E 43 1.18 -14.89 26.16
CA ILE E 43 1.25 -15.81 25.02
C ILE E 43 2.16 -16.99 25.34
N ASN E 44 3.17 -16.79 26.20
CA ASN E 44 3.99 -17.92 26.66
C ASN E 44 3.17 -18.85 27.54
N GLU E 45 2.33 -18.30 28.40
CA GLU E 45 1.47 -19.12 29.26
C GLU E 45 0.48 -19.92 28.42
N ALA E 46 -0.05 -19.32 27.36
CA ALA E 46 -0.97 -19.99 26.45
C ALA E 46 -0.30 -21.19 25.82
N LYS E 47 0.97 -21.03 25.43
CA LYS E 47 1.74 -22.13 24.84
C LYS E 47 2.32 -23.01 25.93
N SER E 48 1.47 -23.67 26.71
CA SER E 48 1.91 -24.58 27.76
C SER E 48 1.01 -25.81 27.84
N SER F 4 32.89 -21.55 -0.28
CA SER F 4 32.48 -22.89 -0.69
C SER F 4 31.30 -22.83 -1.66
N MET F 5 30.63 -21.67 -1.68
CA MET F 5 29.50 -21.46 -2.57
C MET F 5 29.98 -20.77 -3.85
N LYS F 6 31.28 -20.61 -3.99
CA LYS F 6 31.87 -19.96 -5.15
C LYS F 6 31.59 -20.70 -6.45
N PRO F 7 31.77 -22.03 -6.53
CA PRO F 7 31.55 -22.70 -7.82
C PRO F 7 30.09 -22.67 -8.27
N HIS F 8 29.18 -22.32 -7.38
CA HIS F 8 27.77 -22.21 -7.72
C HIS F 8 27.28 -20.79 -7.90
N LEU F 9 27.91 -19.81 -7.25
CA LEU F 9 27.55 -18.42 -7.41
C LEU F 9 27.97 -17.87 -8.77
N ALA F 10 29.10 -18.34 -9.31
CA ALA F 10 29.53 -17.93 -10.64
C ALA F 10 28.54 -18.39 -11.71
N GLU F 11 28.08 -19.63 -11.63
CA GLU F 11 27.12 -20.13 -12.61
C GLU F 11 25.81 -19.36 -12.52
N LEU F 12 25.33 -19.11 -11.29
CA LEU F 12 24.12 -18.32 -11.13
C LEU F 12 24.31 -16.93 -11.72
N ARG F 13 25.51 -16.36 -11.55
CA ARG F 13 25.80 -15.04 -12.09
C ARG F 13 25.69 -15.03 -13.61
N GLN F 14 26.36 -15.98 -14.29
CA GLN F 14 26.29 -16.00 -15.74
C GLN F 14 24.90 -16.31 -16.27
N ARG F 15 24.18 -17.23 -15.66
CA ARG F 15 22.83 -17.53 -16.13
C ARG F 15 21.87 -16.38 -15.88
N LEU F 16 21.99 -15.67 -14.77
CA LEU F 16 21.20 -14.48 -14.56
C LEU F 16 21.57 -13.37 -15.52
N ALA F 17 22.85 -13.24 -15.89
CA ALA F 17 23.24 -12.27 -16.90
C ALA F 17 22.61 -12.59 -18.24
N ILE F 18 22.60 -13.87 -18.63
CA ILE F 18 21.97 -14.25 -19.89
C ILE F 18 20.48 -13.97 -19.86
N SER F 19 19.83 -14.30 -18.75
CA SER F 19 18.39 -14.04 -18.63
C SER F 19 18.08 -12.55 -18.68
N VAL F 20 18.88 -11.73 -18.00
CA VAL F 20 18.64 -10.29 -17.99
C VAL F 20 18.88 -9.69 -19.37
N LEU F 21 19.91 -10.17 -20.08
CA LEU F 21 20.14 -9.71 -21.45
C LEU F 21 18.97 -10.10 -22.35
N ALA F 22 18.42 -11.31 -22.17
CA ALA F 22 17.26 -11.72 -22.95
C ALA F 22 16.06 -10.84 -22.65
N VAL F 23 15.86 -10.49 -21.37
CA VAL F 23 14.75 -9.62 -21.00
C VAL F 23 14.92 -8.23 -21.62
N PHE F 24 16.15 -7.72 -21.62
CA PHE F 24 16.40 -6.41 -22.21
C PHE F 24 16.14 -6.42 -23.72
N VAL F 25 16.61 -7.47 -24.41
CA VAL F 25 16.36 -7.57 -25.84
C VAL F 25 14.87 -7.67 -26.13
N GLY F 26 14.15 -8.46 -25.31
CA GLY F 26 12.71 -8.54 -25.47
C GLY F 26 12.02 -7.22 -25.24
N PHE F 27 12.49 -6.45 -24.26
CA PHE F 27 11.93 -5.13 -24.00
C PHE F 27 12.15 -4.20 -25.19
N ILE F 28 13.35 -4.24 -25.77
CA ILE F 28 13.61 -3.43 -26.95
C ILE F 28 12.69 -3.81 -28.10
N ILE F 29 12.56 -5.11 -28.36
CA ILE F 29 11.71 -5.57 -29.45
C ILE F 29 10.26 -5.19 -29.21
N ALA F 30 9.79 -5.33 -27.97
CA ALA F 30 8.40 -5.01 -27.65
C ALA F 30 8.14 -3.52 -27.74
N PHE F 31 9.07 -2.69 -27.26
CA PHE F 31 8.87 -1.25 -27.34
C PHE F 31 8.93 -0.76 -28.78
N THR F 32 9.67 -1.46 -29.64
CA THR F 32 9.64 -1.13 -31.05
C THR F 32 8.25 -1.33 -31.64
N PHE F 33 7.45 -2.22 -31.05
CA PHE F 33 6.10 -2.50 -31.51
C PHE F 33 5.07 -2.31 -30.40
N HIS F 34 5.21 -1.27 -29.59
CA HIS F 34 4.30 -1.09 -28.46
C HIS F 34 2.91 -0.68 -28.92
N ASN F 35 2.79 -0.03 -30.07
CA ASN F 35 1.46 0.32 -30.59
C ASN F 35 0.64 -0.91 -30.91
N ALA F 36 1.24 -1.91 -31.54
CA ALA F 36 0.52 -3.13 -31.87
C ALA F 36 0.04 -3.85 -30.61
N ILE F 37 0.90 -3.96 -29.60
CA ILE F 37 0.50 -4.64 -28.37
C ILE F 37 -0.59 -3.86 -27.65
N LEU F 38 -0.47 -2.53 -27.63
CA LEU F 38 -1.48 -1.71 -26.96
C LEU F 38 -2.83 -1.83 -27.67
N GLY F 39 -2.82 -1.83 -29.00
CA GLY F 39 -4.05 -2.03 -29.74
C GLY F 39 -4.65 -3.40 -29.52
N TRP F 40 -3.81 -4.44 -29.47
CA TRP F 40 -4.30 -5.78 -29.18
C TRP F 40 -4.92 -5.86 -27.79
N ILE F 41 -4.31 -5.19 -26.81
CA ILE F 41 -4.85 -5.18 -25.46
C ILE F 41 -6.17 -4.42 -25.41
N THR F 42 -6.25 -3.29 -26.12
CA THR F 42 -7.41 -2.41 -26.01
C THR F 42 -8.55 -2.76 -26.96
N LYS F 43 -8.34 -3.68 -27.89
CA LYS F 43 -9.42 -4.05 -28.81
C LYS F 43 -10.67 -4.53 -28.09
N PRO F 44 -10.60 -5.43 -27.09
CA PRO F 44 -11.82 -5.78 -26.35
C PRO F 44 -12.47 -4.59 -25.66
N LEU F 45 -11.69 -3.68 -25.09
CA LEU F 45 -12.27 -2.53 -24.40
C LEU F 45 -13.02 -1.64 -25.38
N ASN F 46 -12.41 -1.34 -26.53
CA ASN F 46 -13.08 -0.51 -27.53
C ASN F 46 -14.34 -1.19 -28.05
N ASN F 47 -14.26 -2.48 -28.32
CA ASN F 47 -15.43 -3.20 -28.83
C ASN F 47 -16.56 -3.19 -27.81
N ALA F 48 -16.23 -3.43 -26.54
CA ALA F 48 -17.24 -3.41 -25.49
C ALA F 48 -17.86 -2.03 -25.36
N LEU F 49 -17.04 -0.98 -25.40
CA LEU F 49 -17.58 0.37 -25.29
C LEU F 49 -18.49 0.70 -26.45
N ILE F 50 -18.13 0.28 -27.66
CA ILE F 50 -18.98 0.55 -28.82
C ILE F 50 -20.30 -0.21 -28.71
N GLN F 51 -20.25 -1.48 -28.31
CA GLN F 51 -21.49 -2.25 -28.17
C GLN F 51 -22.40 -1.66 -27.08
N VAL F 52 -21.80 -1.24 -25.95
CA VAL F 52 -22.59 -0.66 -24.88
C VAL F 52 -23.16 0.68 -25.31
N GLY F 53 -22.43 1.45 -26.11
CA GLY F 53 -22.98 2.67 -26.66
C GLY F 53 -24.16 2.40 -27.58
N LYS F 54 -24.08 1.33 -28.37
CA LYS F 54 -25.22 0.93 -29.19
C LYS F 54 -26.43 0.60 -28.33
N ILE F 55 -26.22 -0.15 -27.24
CA ILE F 55 -27.32 -0.50 -26.34
C ILE F 55 -27.92 0.77 -25.72
N VAL F 56 -27.07 1.70 -25.29
CA VAL F 56 -27.55 2.91 -24.64
C VAL F 56 -28.33 3.76 -25.62
N GLU F 57 -27.85 3.91 -26.85
CA GLU F 57 -28.57 4.67 -27.86
C GLU F 57 -29.89 3.98 -28.22
N LYS F 58 -29.94 2.65 -28.14
CA LYS F 58 -31.21 1.96 -28.37
C LYS F 58 -32.19 2.24 -27.24
N ARG F 59 -31.72 2.20 -25.99
CA ARG F 59 -32.61 2.40 -24.86
C ARG F 59 -33.13 3.83 -24.80
N GLU F 60 -32.24 4.82 -24.96
CA GLU F 60 -32.63 6.21 -24.80
C GLU F 60 -33.62 6.64 -25.88
N MET F 61 -33.42 6.19 -27.11
CA MET F 61 -34.29 6.56 -28.21
C MET F 61 -35.66 5.88 -28.08
N ASN F 156 -20.63 10.38 -23.30
CA ASN F 156 -20.15 9.09 -23.73
C ASN F 156 -18.92 8.67 -22.94
N GLY F 157 -18.51 7.41 -23.10
CA GLY F 157 -17.33 6.90 -22.45
C GLY F 157 -16.34 6.35 -23.46
N MET F 158 -15.07 6.32 -23.08
CA MET F 158 -14.01 5.79 -23.93
C MET F 158 -12.76 5.60 -23.08
N ILE F 159 -11.64 5.33 -23.74
CA ILE F 159 -10.36 5.12 -23.08
C ILE F 159 -9.70 6.47 -22.87
N THR F 160 -9.33 6.75 -21.61
CA THR F 160 -8.74 8.01 -21.22
C THR F 160 -7.44 7.74 -20.48
N THR F 161 -6.74 8.82 -20.15
CA THR F 161 -5.50 8.76 -19.38
C THR F 161 -5.57 9.83 -18.29
N HIS F 162 -5.60 9.40 -17.03
CA HIS F 162 -5.73 10.31 -15.91
C HIS F 162 -4.38 10.72 -15.31
N GLN F 163 -3.28 10.29 -15.90
CA GLN F 163 -1.95 10.68 -15.46
C GLN F 163 -1.18 11.28 -16.63
N VAL F 164 -0.32 12.25 -16.32
CA VAL F 164 0.44 12.94 -17.37
C VAL F 164 1.36 11.97 -18.07
N GLY F 165 2.06 11.13 -17.31
CA GLY F 165 2.93 10.12 -17.88
C GLY F 165 2.30 8.76 -17.94
N GLY F 166 0.96 8.71 -17.86
CA GLY F 166 0.27 7.44 -17.83
C GLY F 166 0.43 6.63 -19.10
N ALA F 167 0.34 7.29 -20.25
CA ALA F 167 0.49 6.57 -21.52
C ALA F 167 1.90 6.02 -21.67
N PHE F 168 2.91 6.84 -21.34
CA PHE F 168 4.29 6.39 -21.44
C PHE F 168 4.56 5.25 -20.46
N PHE F 169 4.06 5.36 -19.23
CA PHE F 169 4.25 4.30 -18.25
C PHE F 169 3.56 3.02 -18.68
N VAL F 170 2.36 3.13 -19.27
CA VAL F 170 1.64 1.95 -19.73
C VAL F 170 2.37 1.29 -20.89
N ALA F 171 2.90 2.08 -21.81
CA ALA F 171 3.69 1.52 -22.90
C ALA F 171 4.92 0.81 -22.38
N LEU F 172 5.61 1.41 -21.41
CA LEU F 172 6.78 0.76 -20.83
C LEU F 172 6.40 -0.53 -20.10
N LYS F 173 5.28 -0.51 -19.37
CA LYS F 173 4.83 -1.71 -18.66
C LYS F 173 4.49 -2.83 -19.63
N VAL F 174 3.80 -2.50 -20.72
CA VAL F 174 3.44 -3.50 -21.71
C VAL F 174 4.68 -4.05 -22.37
N SER F 175 5.64 -3.18 -22.73
CA SER F 175 6.88 -3.65 -23.31
C SER F 175 7.66 -4.53 -22.36
N PHE F 176 7.68 -4.19 -21.07
CA PHE F 176 8.37 -5.01 -20.08
C PHE F 176 7.74 -6.38 -19.96
N PHE F 177 6.40 -6.44 -19.88
CA PHE F 177 5.72 -7.72 -19.79
C PHE F 177 5.96 -8.57 -21.04
N ALA F 178 5.88 -7.93 -22.21
CA ALA F 178 6.12 -8.66 -23.46
C ALA F 178 7.56 -9.15 -23.54
N GLY F 179 8.52 -8.34 -23.09
CA GLY F 179 9.90 -8.79 -23.08
C GLY F 179 10.14 -9.95 -22.15
N ILE F 180 9.50 -9.92 -20.98
CA ILE F 180 9.59 -11.06 -20.06
C ILE F 180 8.99 -12.30 -20.69
N LEU F 181 7.85 -12.15 -21.36
CA LEU F 181 7.22 -13.30 -22.01
C LEU F 181 8.10 -13.87 -23.11
N MET F 182 8.72 -13.00 -23.92
CA MET F 182 9.61 -13.47 -24.97
C MET F 182 10.89 -14.08 -24.43
N ALA F 183 11.38 -13.60 -23.29
CA ALA F 183 12.58 -14.15 -22.67
C ALA F 183 12.30 -15.39 -21.85
N MET F 184 11.03 -15.70 -21.57
CA MET F 184 10.68 -16.90 -20.81
C MET F 184 11.35 -18.18 -21.32
N PRO F 185 11.45 -18.44 -22.64
CA PRO F 185 12.24 -19.60 -23.08
C PRO F 185 13.66 -19.60 -22.55
N VAL F 186 14.38 -18.49 -22.73
CA VAL F 186 15.77 -18.40 -22.26
C VAL F 186 15.83 -18.45 -20.75
N ILE F 187 14.89 -17.75 -20.09
CA ILE F 187 14.89 -17.72 -18.63
C ILE F 187 14.71 -19.13 -18.07
N LEU F 188 13.74 -19.88 -18.57
CA LEU F 188 13.51 -21.23 -18.10
C LEU F 188 14.61 -22.19 -18.53
N TRP F 189 15.21 -22.00 -19.70
CA TRP F 189 16.35 -22.82 -20.10
C TRP F 189 17.50 -22.67 -19.12
N GLN F 190 17.85 -21.43 -18.79
CA GLN F 190 18.94 -21.20 -17.83
C GLN F 190 18.57 -21.69 -16.45
N LEU F 191 17.31 -21.48 -16.03
CA LEU F 191 16.86 -21.95 -14.73
C LEU F 191 16.97 -23.47 -14.61
N TRP F 192 16.54 -24.19 -15.65
CA TRP F 192 16.64 -25.63 -15.62
C TRP F 192 18.09 -26.08 -15.67
N LEU F 193 18.92 -25.44 -16.48
CA LEU F 193 20.33 -25.79 -16.56
C LEU F 193 21.05 -25.56 -15.23
N PHE F 194 20.61 -24.58 -14.45
CA PHE F 194 21.13 -24.37 -13.09
C PHE F 194 20.59 -25.38 -12.09
N ILE F 195 19.31 -25.76 -12.22
CA ILE F 195 18.68 -26.68 -11.27
C ILE F 195 18.90 -28.14 -11.62
N ALA F 196 19.06 -28.47 -12.90
CA ALA F 196 19.21 -29.85 -13.34
C ALA F 196 20.32 -30.60 -12.61
N PRO F 197 21.55 -30.04 -12.50
CA PRO F 197 22.56 -30.83 -11.76
C PRO F 197 22.45 -30.61 -10.25
N GLY F 198 21.22 -30.64 -9.77
CA GLY F 198 20.92 -30.54 -8.35
C GLY F 198 19.68 -31.35 -8.06
N LEU F 199 19.24 -32.09 -9.07
CA LEU F 199 18.02 -32.89 -9.01
C LEU F 199 18.36 -34.32 -9.36
N TYR F 200 17.66 -35.27 -8.75
CA TYR F 200 17.95 -36.67 -8.99
C TYR F 200 17.47 -37.09 -10.37
N ASP F 201 17.97 -38.25 -10.83
CA ASP F 201 17.72 -38.70 -12.18
C ASP F 201 16.31 -39.28 -12.32
N ASN F 202 15.48 -39.06 -11.31
CA ASN F 202 14.08 -39.49 -11.35
C ASN F 202 13.08 -38.34 -11.26
N GLU F 203 13.51 -37.11 -11.02
CA GLU F 203 12.59 -35.98 -11.03
C GLU F 203 12.58 -35.24 -12.35
N LYS F 204 13.62 -35.36 -13.18
CA LYS F 204 13.66 -34.70 -14.48
C LYS F 204 12.55 -35.24 -15.39
N LYS F 205 12.37 -36.56 -15.37
CA LYS F 205 11.39 -37.22 -16.22
C LYS F 205 9.98 -36.78 -15.88
N MET F 206 9.78 -36.32 -14.65
CA MET F 206 8.50 -35.71 -14.29
C MET F 206 8.46 -34.24 -14.68
N VAL F 207 9.53 -33.50 -14.39
CA VAL F 207 9.48 -32.05 -14.52
C VAL F 207 9.39 -31.61 -15.98
N LEU F 208 9.91 -32.41 -16.91
CA LEU F 208 9.91 -31.95 -18.29
C LEU F 208 8.49 -31.96 -18.88
N PRO F 209 7.79 -33.10 -18.90
CA PRO F 209 6.42 -33.08 -19.44
C PRO F 209 5.49 -32.16 -18.69
N PHE F 210 5.66 -32.03 -17.37
CA PHE F 210 4.87 -31.11 -16.58
C PHE F 210 5.07 -29.67 -17.04
N VAL F 211 6.33 -29.26 -17.24
CA VAL F 211 6.62 -27.90 -17.68
C VAL F 211 6.04 -27.65 -19.07
N VAL F 212 6.21 -28.62 -19.97
CA VAL F 212 5.72 -28.48 -21.34
C VAL F 212 4.21 -28.34 -21.35
N GLY F 213 3.52 -29.24 -20.65
CA GLY F 213 2.06 -29.18 -20.59
C GLY F 213 1.56 -27.92 -19.92
N GLY F 214 2.26 -27.48 -18.88
CA GLY F 214 1.89 -26.24 -18.22
C GLY F 214 2.00 -25.05 -19.14
N SER F 215 3.08 -24.98 -19.92
CA SER F 215 3.24 -23.89 -20.88
C SER F 215 2.15 -23.92 -21.94
N VAL F 216 1.87 -25.11 -22.48
CA VAL F 216 0.84 -25.22 -23.52
C VAL F 216 -0.52 -24.82 -22.97
N MET F 217 -0.84 -25.28 -21.76
CA MET F 217 -2.14 -25.00 -21.18
C MET F 217 -2.25 -23.53 -20.76
N PHE F 218 -1.15 -22.92 -20.34
CA PHE F 218 -1.17 -21.49 -20.07
C PHE F 218 -1.44 -20.69 -21.34
N LEU F 219 -0.81 -21.09 -22.45
CA LEU F 219 -1.07 -20.42 -23.72
C LEU F 219 -2.54 -20.57 -24.11
N ILE F 220 -3.08 -21.78 -23.97
CA ILE F 220 -4.47 -22.07 -24.33
C ILE F 220 -5.39 -21.24 -23.44
N GLY F 221 -5.06 -21.14 -22.15
CA GLY F 221 -5.90 -20.37 -21.24
C GLY F 221 -5.88 -18.88 -21.54
N VAL F 222 -4.71 -18.34 -21.87
CA VAL F 222 -4.63 -16.92 -22.21
C VAL F 222 -5.42 -16.64 -23.49
N LEU F 223 -5.28 -17.52 -24.48
CA LEU F 223 -6.06 -17.35 -25.71
C LEU F 223 -7.56 -17.43 -25.44
N PHE F 224 -7.98 -18.38 -24.61
CA PHE F 224 -9.39 -18.52 -24.29
C PHE F 224 -9.91 -17.30 -23.54
N ALA F 225 -9.11 -16.76 -22.62
CA ALA F 225 -9.52 -15.57 -21.90
C ALA F 225 -9.67 -14.38 -22.84
N TYR F 226 -8.71 -14.19 -23.75
CA TYR F 226 -8.78 -13.04 -24.64
C TYR F 226 -9.94 -13.16 -25.63
N TYR F 227 -10.14 -14.35 -26.20
CA TYR F 227 -11.04 -14.49 -27.34
C TYR F 227 -12.43 -14.97 -26.99
N VAL F 228 -12.62 -15.64 -25.85
CA VAL F 228 -13.90 -16.25 -25.55
C VAL F 228 -14.50 -15.70 -24.26
N VAL F 229 -13.66 -15.13 -23.39
CA VAL F 229 -14.13 -14.66 -22.09
C VAL F 229 -14.15 -13.15 -22.06
N THR F 230 -13.08 -12.52 -22.52
CA THR F 230 -12.98 -11.07 -22.46
C THR F 230 -14.08 -10.35 -23.25
N PRO F 231 -14.42 -10.74 -24.48
CA PRO F 231 -15.48 -10.00 -25.20
C PRO F 231 -16.81 -9.97 -24.48
N PHE F 232 -17.19 -11.06 -23.81
CA PHE F 232 -18.47 -11.10 -23.11
C PHE F 232 -18.35 -10.52 -21.70
N GLY F 233 -17.25 -10.81 -21.01
CA GLY F 233 -17.07 -10.27 -19.67
C GLY F 233 -17.00 -8.77 -19.65
N PHE F 234 -16.23 -8.18 -20.57
CA PHE F 234 -16.14 -6.72 -20.64
C PHE F 234 -17.49 -6.10 -20.98
N GLN F 235 -18.22 -6.71 -21.92
CA GLN F 235 -19.54 -6.19 -22.27
C GLN F 235 -20.47 -6.22 -21.07
N PHE F 236 -20.49 -7.33 -20.34
CA PHE F 236 -21.35 -7.44 -19.16
C PHE F 236 -20.96 -6.41 -18.10
N LEU F 237 -19.66 -6.24 -17.87
CA LEU F 237 -19.21 -5.32 -16.83
C LEU F 237 -19.52 -3.87 -17.18
N ILE F 238 -19.36 -3.49 -18.46
CA ILE F 238 -19.66 -2.12 -18.85
C ILE F 238 -21.17 -1.89 -18.84
N THR F 239 -21.95 -2.88 -19.31
CA THR F 239 -23.40 -2.72 -19.32
C THR F 239 -24.00 -2.72 -17.93
N PHE F 240 -23.31 -3.30 -16.95
CA PHE F 240 -23.84 -3.31 -15.59
C PHE F 240 -24.00 -1.90 -15.04
N GLY F 241 -22.94 -1.10 -15.12
CA GLY F 241 -23.01 0.31 -14.74
C GLY F 241 -23.23 1.24 -15.92
N SER F 242 -24.18 0.91 -16.79
CA SER F 242 -24.44 1.71 -17.98
C SER F 242 -25.55 2.73 -17.79
N PHE F 243 -26.56 2.43 -16.99
CA PHE F 243 -27.65 3.35 -16.74
C PHE F 243 -27.44 4.21 -15.50
N LEU F 244 -26.30 4.07 -14.83
CA LEU F 244 -25.96 4.90 -13.70
C LEU F 244 -24.73 5.76 -13.95
N TYR F 245 -23.65 5.17 -14.45
CA TYR F 245 -22.37 5.86 -14.58
C TYR F 245 -21.90 5.85 -16.04
N THR F 246 -20.95 6.74 -16.32
CA THR F 246 -20.36 6.87 -17.65
C THR F 246 -19.01 6.19 -17.67
N PRO F 247 -18.76 5.25 -18.59
CA PRO F 247 -17.52 4.47 -18.55
C PRO F 247 -16.32 5.22 -19.11
N LEU F 248 -15.68 6.06 -18.31
CA LEU F 248 -14.44 6.73 -18.70
C LEU F 248 -13.25 5.91 -18.21
N ILE F 249 -12.92 4.88 -19.00
CA ILE F 249 -11.99 3.86 -18.51
C ILE F 249 -10.56 4.31 -18.75
N ASN F 250 -9.75 4.32 -17.68
CA ASN F 250 -8.37 4.76 -17.79
C ASN F 250 -7.46 3.57 -18.05
N ILE F 251 -6.44 3.79 -18.89
CA ILE F 251 -5.60 2.70 -19.38
C ILE F 251 -4.71 2.14 -18.27
N GLU F 252 -4.34 2.96 -17.28
CA GLU F 252 -3.40 2.53 -16.27
C GLU F 252 -3.94 1.37 -15.46
N ASP F 253 -5.19 1.47 -15.01
CA ASP F 253 -5.83 0.36 -14.31
C ASP F 253 -6.26 -0.75 -15.25
N TYR F 254 -6.62 -0.41 -16.49
CA TYR F 254 -7.07 -1.41 -17.45
C TYR F 254 -5.97 -2.39 -17.79
N VAL F 255 -4.73 -1.92 -17.91
CA VAL F 255 -3.63 -2.82 -18.26
C VAL F 255 -3.44 -3.85 -17.16
N GLY F 256 -3.43 -3.41 -15.90
CA GLY F 256 -3.30 -4.35 -14.81
C GLY F 256 -4.46 -5.32 -14.72
N PHE F 257 -5.69 -4.82 -14.90
CA PHE F 257 -6.86 -5.68 -14.86
C PHE F 257 -6.80 -6.74 -15.96
N PHE F 258 -6.43 -6.33 -17.17
CA PHE F 258 -6.34 -7.24 -18.31
C PHE F 258 -5.27 -8.30 -18.09
N THR F 259 -4.08 -7.88 -17.62
CA THR F 259 -3.02 -8.85 -17.38
C THR F 259 -3.40 -9.81 -16.27
N LYS F 260 -4.04 -9.33 -15.22
CA LYS F 260 -4.48 -10.21 -14.15
C LYS F 260 -5.48 -11.23 -14.65
N ILE F 261 -6.43 -10.80 -15.49
CA ILE F 261 -7.41 -11.72 -16.05
C ILE F 261 -6.70 -12.80 -16.88
N LEU F 262 -5.78 -12.37 -17.74
CA LEU F 262 -5.10 -13.33 -18.61
C LEU F 262 -4.29 -14.34 -17.82
N ILE F 263 -3.51 -13.87 -16.85
CA ILE F 263 -2.67 -14.77 -16.06
C ILE F 263 -3.53 -15.68 -15.20
N GLY F 264 -4.62 -15.15 -14.64
CA GLY F 264 -5.50 -15.97 -13.83
C GLY F 264 -6.14 -17.07 -14.64
N PHE F 265 -6.55 -16.78 -15.87
CA PHE F 265 -7.13 -17.83 -16.70
C PHE F 265 -6.07 -18.85 -17.12
N GLY F 266 -4.85 -18.40 -17.38
CA GLY F 266 -3.79 -19.35 -17.67
C GLY F 266 -3.56 -20.33 -16.52
N ILE F 267 -3.51 -19.80 -15.30
CA ILE F 267 -3.32 -20.66 -14.14
C ILE F 267 -4.54 -21.54 -13.91
N ALA F 268 -5.74 -21.00 -14.14
CA ALA F 268 -6.96 -21.78 -13.97
C ALA F 268 -7.10 -22.85 -15.03
N PHE F 269 -6.33 -22.77 -16.11
CA PHE F 269 -6.26 -23.85 -17.07
C PHE F 269 -5.12 -24.84 -16.75
N GLU F 270 -4.03 -24.36 -16.16
CA GLU F 270 -2.93 -25.23 -15.77
C GLU F 270 -3.23 -26.11 -14.56
N LEU F 271 -3.95 -25.60 -13.55
CA LEU F 271 -4.21 -26.43 -12.36
C LEU F 271 -5.04 -27.67 -12.67
N PRO F 272 -6.15 -27.59 -13.43
CA PRO F 272 -6.93 -28.80 -13.69
C PRO F 272 -6.30 -29.75 -14.70
N VAL F 273 -5.13 -29.42 -15.22
CA VAL F 273 -4.37 -30.37 -16.03
C VAL F 273 -3.22 -30.90 -15.20
N VAL F 274 -2.75 -30.09 -14.24
CA VAL F 274 -1.81 -30.58 -13.25
C VAL F 274 -2.46 -31.68 -12.42
N ALA F 275 -3.74 -31.51 -12.08
CA ALA F 275 -4.46 -32.54 -11.34
C ALA F 275 -4.52 -33.84 -12.13
N TYR F 276 -4.82 -33.75 -13.42
CA TYR F 276 -4.86 -34.94 -14.27
C TYR F 276 -3.49 -35.60 -14.35
N PHE F 277 -2.44 -34.80 -14.53
CA PHE F 277 -1.09 -35.34 -14.64
C PHE F 277 -0.68 -36.07 -13.37
N LEU F 278 -0.97 -35.48 -12.21
CA LEU F 278 -0.68 -36.14 -10.94
C LEU F 278 -1.51 -37.40 -10.77
N ALA F 279 -2.80 -37.35 -11.14
CA ALA F 279 -3.67 -38.49 -10.98
C ALA F 279 -3.27 -39.66 -11.87
N LEU F 280 -2.61 -39.39 -12.99
CA LEU F 280 -2.20 -40.49 -13.87
C LEU F 280 -1.27 -41.47 -13.18
N LEU F 281 -0.22 -41.01 -12.54
CA LEU F 281 0.74 -41.92 -11.90
C LEU F 281 0.37 -42.26 -10.46
N GLY F 282 -0.87 -42.65 -10.21
CA GLY F 282 -1.31 -43.12 -8.91
C GLY F 282 -0.92 -42.24 -7.73
N LEU F 283 -0.65 -40.96 -7.99
CA LEU F 283 -0.15 -40.08 -6.94
C LEU F 283 -1.30 -39.53 -6.12
N ILE F 284 -2.25 -38.88 -6.80
CA ILE F 284 -3.40 -38.30 -6.13
C ILE F 284 -4.66 -39.04 -6.59
N THR F 285 -5.47 -39.48 -5.64
CA THR F 285 -6.76 -40.07 -5.94
C THR F 285 -7.85 -39.16 -5.38
N ASP F 286 -9.10 -39.56 -5.60
CA ASP F 286 -10.24 -38.74 -5.20
C ASP F 286 -10.28 -38.55 -3.69
N LYS F 287 -10.05 -39.63 -2.94
CA LYS F 287 -10.08 -39.53 -1.48
C LYS F 287 -8.99 -38.60 -0.96
N THR F 288 -7.81 -38.67 -1.58
CA THR F 288 -6.68 -37.84 -1.17
C THR F 288 -6.97 -36.37 -1.47
N LEU F 289 -7.91 -36.09 -2.36
CA LEU F 289 -8.25 -34.73 -2.72
C LEU F 289 -9.41 -34.17 -1.92
N LYS F 290 -10.07 -35.00 -1.09
CA LYS F 290 -11.16 -34.54 -0.23
C LYS F 290 -10.78 -34.60 1.23
N ASP F 291 -9.62 -35.14 1.54
CA ASP F 291 -9.10 -35.17 2.90
C ASP F 291 -8.15 -34.03 3.20
N TYR F 292 -7.53 -33.44 2.18
CA TYR F 292 -6.70 -32.26 2.33
C TYR F 292 -7.43 -30.99 1.90
N PHE F 293 -8.76 -31.09 1.73
CA PHE F 293 -9.56 -29.90 1.43
C PHE F 293 -9.52 -28.92 2.59
N LYS F 294 -9.49 -29.43 3.83
CA LYS F 294 -9.54 -28.56 5.00
C LYS F 294 -8.37 -27.58 5.01
N TYR F 295 -7.16 -28.07 4.71
CA TYR F 295 -6.01 -27.18 4.58
C TYR F 295 -5.97 -26.51 3.22
N ALA F 296 -6.62 -27.10 2.23
CA ALA F 296 -6.64 -26.51 0.89
C ALA F 296 -7.37 -25.17 0.90
N ILE F 297 -8.48 -25.07 1.64
CA ILE F 297 -9.21 -23.82 1.67
C ILE F 297 -8.39 -22.73 2.37
N VAL F 298 -7.66 -23.08 3.43
CA VAL F 298 -6.82 -22.10 4.11
C VAL F 298 -5.69 -21.63 3.19
N ILE F 299 -5.08 -22.57 2.46
CA ILE F 299 -4.04 -22.19 1.51
C ILE F 299 -4.62 -21.31 0.40
N ILE F 300 -5.85 -21.62 -0.04
CA ILE F 300 -6.51 -20.82 -1.07
C ILE F 300 -6.71 -19.40 -0.59
N PHE F 301 -7.15 -19.25 0.66
CA PHE F 301 -7.37 -17.91 1.20
C PHE F 301 -6.05 -17.17 1.41
N LEU F 302 -4.99 -17.88 1.80
CA LEU F 302 -3.67 -17.25 1.86
C LEU F 302 -3.25 -16.75 0.48
N LEU F 303 -3.43 -17.57 -0.55
CA LEU F 303 -3.08 -17.15 -1.90
C LEU F 303 -3.89 -15.94 -2.33
N ALA F 304 -5.17 -15.93 -2.00
CA ALA F 304 -6.01 -14.78 -2.32
C ALA F 304 -5.52 -13.53 -1.61
N ALA F 305 -5.13 -13.67 -0.34
CA ALA F 305 -4.61 -12.52 0.40
C ALA F 305 -3.32 -12.00 -0.23
N PHE F 306 -2.43 -12.90 -0.64
CA PHE F 306 -1.19 -12.46 -1.29
C PHE F 306 -1.48 -11.75 -2.61
N LEU F 307 -2.38 -12.29 -3.42
CA LEU F 307 -2.55 -11.86 -4.80
C LEU F 307 -3.54 -10.72 -4.95
N THR F 308 -4.13 -10.23 -3.87
CA THR F 308 -5.13 -9.18 -3.90
C THR F 308 -4.77 -8.08 -2.92
N PRO F 309 -5.29 -6.88 -3.13
CA PRO F 309 -5.11 -5.79 -2.15
C PRO F 309 -5.64 -6.18 -0.79
N PRO F 310 -5.32 -5.42 0.27
CA PRO F 310 -5.76 -5.80 1.62
C PRO F 310 -7.26 -5.81 1.82
N ASP F 311 -8.03 -5.54 0.78
CA ASP F 311 -9.48 -5.62 0.87
C ASP F 311 -9.92 -7.08 1.03
N VAL F 312 -10.88 -7.31 1.93
CA VAL F 312 -11.41 -8.65 2.13
C VAL F 312 -12.24 -9.10 0.95
N LEU F 313 -13.00 -8.17 0.35
CA LEU F 313 -13.88 -8.54 -0.75
C LEU F 313 -13.09 -9.08 -1.94
N THR F 314 -11.96 -8.45 -2.27
CA THR F 314 -11.11 -8.99 -3.31
C THR F 314 -10.59 -10.37 -2.94
N GLN F 315 -10.27 -10.59 -1.66
CA GLN F 315 -9.83 -11.92 -1.23
C GLN F 315 -10.91 -12.96 -1.45
N LEU F 316 -12.16 -12.66 -1.13
CA LEU F 316 -13.24 -13.62 -1.34
C LEU F 316 -13.50 -13.86 -2.82
N LEU F 317 -13.54 -12.80 -3.62
CA LEU F 317 -13.72 -12.95 -5.06
C LEU F 317 -12.55 -13.64 -5.75
N MET F 318 -11.38 -13.69 -5.12
CA MET F 318 -10.29 -14.48 -5.65
C MET F 318 -10.28 -15.90 -5.14
N ALA F 319 -10.79 -16.14 -3.93
CA ALA F 319 -10.87 -17.48 -3.38
C ALA F 319 -11.98 -18.31 -4.01
N ALA F 320 -13.10 -17.68 -4.39
CA ALA F 320 -14.20 -18.46 -4.96
C ALA F 320 -13.82 -19.18 -6.24
N PRO F 321 -13.17 -18.54 -7.24
CA PRO F 321 -12.74 -19.30 -8.42
C PRO F 321 -11.76 -20.41 -8.09
N LEU F 322 -10.90 -20.21 -7.09
CA LEU F 322 -9.98 -21.26 -6.69
C LEU F 322 -10.73 -22.45 -6.11
N ILE F 323 -11.77 -22.20 -5.31
CA ILE F 323 -12.61 -23.26 -4.81
C ILE F 323 -13.31 -24.00 -5.94
N LEU F 324 -13.81 -23.28 -6.94
CA LEU F 324 -14.40 -23.94 -8.10
C LEU F 324 -13.40 -24.80 -8.87
N LEU F 325 -12.16 -24.31 -9.04
CA LEU F 325 -11.12 -25.11 -9.68
C LEU F 325 -10.82 -26.36 -8.87
N TYR F 326 -10.76 -26.26 -7.54
CA TYR F 326 -10.57 -27.43 -6.69
C TYR F 326 -11.71 -28.43 -6.85
N GLY F 327 -12.95 -27.94 -6.88
CA GLY F 327 -14.08 -28.83 -7.07
C GLY F 327 -14.02 -29.55 -8.41
N LEU F 328 -13.63 -28.84 -9.47
CA LEU F 328 -13.45 -29.47 -10.77
C LEU F 328 -12.33 -30.51 -10.73
N SER F 329 -11.23 -30.18 -10.04
CA SER F 329 -10.12 -31.10 -9.91
C SER F 329 -10.55 -32.40 -9.25
N ILE F 330 -11.47 -32.32 -8.28
CA ILE F 330 -11.98 -33.52 -7.65
C ILE F 330 -12.65 -34.43 -8.68
N LEU F 331 -13.49 -33.87 -9.54
CA LEU F 331 -14.15 -34.68 -10.57
C LEU F 331 -13.12 -35.25 -11.54
N ILE F 332 -12.12 -34.44 -11.92
CA ILE F 332 -11.12 -34.92 -12.86
C ILE F 332 -10.37 -36.12 -12.29
N VAL F 333 -9.94 -36.03 -11.02
CA VAL F 333 -9.21 -37.16 -10.45
C VAL F 333 -10.15 -38.32 -10.19
N HIS F 334 -11.46 -38.05 -10.07
CA HIS F 334 -12.42 -39.13 -9.88
C HIS F 334 -12.61 -39.92 -11.17
N TYR F 335 -12.52 -39.27 -12.32
CA TYR F 335 -12.73 -39.94 -13.60
C TYR F 335 -11.44 -40.45 -14.24
N VAL F 336 -10.30 -40.31 -13.58
CA VAL F 336 -9.06 -40.82 -14.13
C VAL F 336 -9.01 -42.34 -14.00
N SER G 4 -7.49 -29.15 25.64
CA SER G 4 -8.10 -28.39 26.72
C SER G 4 -8.94 -27.25 26.18
N MET G 5 -8.59 -26.79 24.97
CA MET G 5 -9.31 -25.70 24.32
C MET G 5 -10.46 -26.26 23.48
N LYS G 6 -10.62 -27.57 23.49
CA LYS G 6 -11.65 -28.24 22.71
C LYS G 6 -13.07 -27.82 23.08
N PRO G 7 -13.45 -27.77 24.37
CA PRO G 7 -14.84 -27.41 24.69
C PRO G 7 -15.17 -25.96 24.37
N HIS G 8 -14.16 -25.15 24.06
CA HIS G 8 -14.36 -23.76 23.74
C HIS G 8 -14.14 -23.42 22.27
N LEU G 9 -13.39 -24.23 21.53
CA LEU G 9 -13.22 -24.02 20.10
C LEU G 9 -14.43 -24.47 19.30
N ALA G 10 -15.17 -25.47 19.80
CA ALA G 10 -16.42 -25.86 19.17
C ALA G 10 -17.44 -24.73 19.21
N GLU G 11 -17.54 -24.04 20.35
CA GLU G 11 -18.48 -22.93 20.46
C GLU G 11 -18.11 -21.82 19.48
N LEU G 12 -16.83 -21.49 19.38
CA LEU G 12 -16.38 -20.54 18.37
C LEU G 12 -16.78 -21.01 16.97
N ARG G 13 -16.59 -22.30 16.69
CA ARG G 13 -16.90 -22.81 15.37
C ARG G 13 -18.38 -22.61 15.03
N GLN G 14 -19.27 -23.03 15.93
CA GLN G 14 -20.71 -22.87 15.67
C GLN G 14 -21.14 -21.41 15.61
N ARG G 15 -20.68 -20.56 16.53
CA ARG G 15 -21.11 -19.16 16.51
C ARG G 15 -20.57 -18.41 15.31
N LEU G 16 -19.32 -18.66 14.92
CA LEU G 16 -18.78 -18.12 13.69
C LEU G 16 -19.52 -18.61 12.47
N ALA G 17 -19.94 -19.88 12.46
CA ALA G 17 -20.75 -20.38 11.35
C ALA G 17 -22.07 -19.65 11.24
N ILE G 18 -22.75 -19.44 12.38
CA ILE G 18 -24.03 -18.73 12.35
C ILE G 18 -23.83 -17.28 11.89
N SER G 19 -22.78 -16.62 12.39
CA SER G 19 -22.52 -15.25 11.96
C SER G 19 -22.20 -15.17 10.48
N VAL G 20 -21.42 -16.12 9.97
CA VAL G 20 -21.06 -16.11 8.55
C VAL G 20 -22.29 -16.38 7.69
N LEU G 21 -23.16 -17.28 8.15
CA LEU G 21 -24.41 -17.53 7.41
C LEU G 21 -25.29 -16.28 7.40
N ALA G 22 -25.34 -15.56 8.53
CA ALA G 22 -26.10 -14.31 8.56
C ALA G 22 -25.51 -13.30 7.60
N VAL G 23 -24.19 -13.20 7.54
CA VAL G 23 -23.54 -12.26 6.62
C VAL G 23 -23.85 -12.64 5.18
N PHE G 24 -23.83 -13.92 4.86
CA PHE G 24 -24.13 -14.36 3.50
C PHE G 24 -25.58 -14.06 3.13
N VAL G 25 -26.52 -14.31 4.04
CA VAL G 25 -27.92 -14.01 3.77
C VAL G 25 -28.11 -12.51 3.58
N GLY G 26 -27.45 -11.70 4.41
CA GLY G 26 -27.52 -10.26 4.25
C GLY G 26 -26.94 -9.80 2.93
N PHE G 27 -25.83 -10.42 2.50
CA PHE G 27 -25.24 -10.08 1.21
C PHE G 27 -26.20 -10.41 0.07
N ILE G 28 -26.87 -11.56 0.16
CA ILE G 28 -27.84 -11.93 -0.86
C ILE G 28 -28.98 -10.91 -0.90
N ILE G 29 -29.52 -10.56 0.27
CA ILE G 29 -30.62 -9.62 0.32
C ILE G 29 -30.20 -8.26 -0.21
N ALA G 30 -29.01 -7.79 0.16
CA ALA G 30 -28.54 -6.50 -0.29
C ALA G 30 -28.28 -6.47 -1.79
N PHE G 31 -27.70 -7.54 -2.34
CA PHE G 31 -27.47 -7.59 -3.78
C PHE G 31 -28.78 -7.70 -4.54
N THR G 32 -29.82 -8.26 -3.92
CA THR G 32 -31.13 -8.23 -4.57
C THR G 32 -31.64 -6.81 -4.73
N PHE G 33 -31.24 -5.90 -3.85
CA PHE G 33 -31.66 -4.51 -3.89
C PHE G 33 -30.48 -3.55 -3.94
N HIS G 34 -29.46 -3.88 -4.74
CA HIS G 34 -28.26 -3.03 -4.77
C HIS G 34 -28.53 -1.71 -5.49
N ASN G 35 -29.51 -1.68 -6.39
CA ASN G 35 -29.84 -0.42 -7.05
C ASN G 35 -30.37 0.62 -6.07
N ALA G 36 -31.25 0.19 -5.16
CA ALA G 36 -31.79 1.13 -4.17
C ALA G 36 -30.70 1.65 -3.25
N ILE G 37 -29.81 0.78 -2.78
CA ILE G 37 -28.72 1.22 -1.90
C ILE G 37 -27.77 2.15 -2.64
N LEU G 38 -27.46 1.83 -3.90
CA LEU G 38 -26.58 2.68 -4.68
C LEU G 38 -27.20 4.05 -4.92
N GLY G 39 -28.50 4.10 -5.21
CA GLY G 39 -29.18 5.37 -5.36
C GLY G 39 -29.19 6.17 -4.07
N TRP G 40 -29.41 5.50 -2.94
CA TRP G 40 -29.35 6.18 -1.65
C TRP G 40 -27.97 6.75 -1.39
N ILE G 41 -26.93 5.99 -1.74
CA ILE G 41 -25.56 6.45 -1.53
C ILE G 41 -25.24 7.64 -2.43
N THR G 42 -25.63 7.58 -3.70
CA THR G 42 -25.21 8.59 -4.67
C THR G 42 -26.20 9.75 -4.81
N LYS G 43 -27.32 9.74 -4.10
CA LYS G 43 -28.24 10.87 -4.15
C LYS G 43 -27.59 12.18 -3.72
N PRO G 44 -26.88 12.26 -2.59
CA PRO G 44 -26.22 13.52 -2.24
C PRO G 44 -25.22 13.98 -3.27
N LEU G 45 -24.48 13.05 -3.88
CA LEU G 45 -23.52 13.43 -4.90
C LEU G 45 -24.20 14.04 -6.11
N ASN G 46 -25.30 13.44 -6.56
CA ASN G 46 -26.03 13.99 -7.70
C ASN G 46 -26.62 15.35 -7.37
N ASN G 47 -27.18 15.50 -6.17
CA ASN G 47 -27.74 16.78 -5.78
C ASN G 47 -26.67 17.87 -5.73
N ALA G 48 -25.50 17.54 -5.16
CA ALA G 48 -24.41 18.49 -5.11
C ALA G 48 -23.92 18.86 -6.50
N LEU G 49 -23.81 17.87 -7.39
CA LEU G 49 -23.36 18.16 -8.75
C LEU G 49 -24.35 19.05 -9.48
N ILE G 50 -25.65 18.81 -9.30
CA ILE G 50 -26.64 19.66 -9.96
C ILE G 50 -26.59 21.08 -9.41
N GLN G 51 -26.47 21.23 -8.09
CA GLN G 51 -26.38 22.57 -7.51
C GLN G 51 -25.13 23.31 -7.97
N VAL G 52 -24.00 22.61 -8.02
CA VAL G 52 -22.76 23.25 -8.47
C VAL G 52 -22.85 23.62 -9.94
N GLY G 53 -23.52 22.79 -10.75
CA GLY G 53 -23.76 23.17 -12.13
C GLY G 53 -24.61 24.42 -12.24
N LYS G 54 -25.61 24.54 -11.38
CA LYS G 54 -26.41 25.77 -11.34
C LYS G 54 -25.55 26.97 -11.02
N ILE G 55 -24.67 26.83 -10.03
CA ILE G 55 -23.77 27.93 -9.66
C ILE G 55 -22.85 28.29 -10.82
N VAL G 56 -22.30 27.28 -11.50
CA VAL G 56 -21.38 27.52 -12.60
C VAL G 56 -22.09 28.22 -13.76
N GLU G 57 -23.31 27.77 -14.08
CA GLU G 57 -24.06 28.43 -15.15
C GLU G 57 -24.47 29.84 -14.76
N LYS G 58 -24.67 30.09 -13.47
CA LYS G 58 -24.94 31.46 -13.03
C LYS G 58 -23.71 32.35 -13.19
N ARG G 59 -22.54 31.83 -12.83
CA ARG G 59 -21.32 32.62 -12.92
C ARG G 59 -20.93 32.89 -14.37
N GLU G 60 -20.96 31.85 -15.22
CA GLU G 60 -20.47 32.00 -16.58
C GLU G 60 -21.33 32.95 -17.39
N MET G 61 -22.64 32.91 -17.19
CA MET G 61 -23.56 33.76 -17.93
C MET G 61 -23.40 35.23 -17.53
N ASN G 156 -18.67 19.49 -18.32
CA ASN G 156 -19.51 19.26 -17.16
C ASN G 156 -19.01 18.08 -16.35
N GLY G 157 -19.48 17.96 -15.10
CA GLY G 157 -19.09 16.89 -14.22
C GLY G 157 -20.26 16.00 -13.90
N MET G 158 -19.95 14.73 -13.58
CA MET G 158 -20.97 13.73 -13.28
C MET G 158 -20.28 12.53 -12.65
N ILE G 159 -21.07 11.50 -12.33
CA ILE G 159 -20.54 10.26 -11.79
C ILE G 159 -20.09 9.37 -12.94
N THR G 160 -18.84 8.93 -12.89
CA THR G 160 -18.23 8.11 -13.91
C THR G 160 -17.68 6.83 -13.28
N THR G 161 -17.18 5.94 -14.12
CA THR G 161 -16.54 4.71 -13.68
C THR G 161 -15.23 4.58 -14.44
N HIS G 162 -14.11 4.63 -13.72
CA HIS G 162 -12.79 4.62 -14.32
C HIS G 162 -12.18 3.23 -14.43
N GLN G 163 -12.90 2.20 -13.98
CA GLN G 163 -12.45 0.82 -14.10
C GLN G 163 -13.52 0.00 -14.80
N VAL G 164 -13.07 -1.02 -15.54
CA VAL G 164 -14.00 -1.82 -16.34
C VAL G 164 -14.98 -2.56 -15.43
N GLY G 165 -14.46 -3.16 -14.35
CA GLY G 165 -15.30 -3.87 -13.42
C GLY G 165 -15.64 -3.04 -12.20
N GLY G 166 -15.47 -1.71 -12.32
CA GLY G 166 -15.70 -0.84 -11.18
C GLY G 166 -17.14 -0.84 -10.70
N ALA G 167 -18.09 -0.87 -11.64
CA ALA G 167 -19.50 -0.86 -11.26
C ALA G 167 -19.88 -2.14 -10.52
N PHE G 168 -19.49 -3.29 -11.06
CA PHE G 168 -19.80 -4.56 -10.40
C PHE G 168 -19.11 -4.67 -9.05
N PHE G 169 -17.85 -4.23 -8.97
CA PHE G 169 -17.13 -4.27 -7.70
C PHE G 169 -17.76 -3.34 -6.68
N VAL G 170 -18.22 -2.17 -7.10
CA VAL G 170 -18.89 -1.25 -6.19
C VAL G 170 -20.20 -1.84 -5.69
N ALA G 171 -20.96 -2.47 -6.60
CA ALA G 171 -22.19 -3.12 -6.18
C ALA G 171 -21.92 -4.23 -5.17
N LEU G 172 -20.88 -5.03 -5.42
CA LEU G 172 -20.52 -6.09 -4.48
C LEU G 172 -20.07 -5.53 -3.13
N LYS G 173 -19.28 -4.45 -3.15
CA LYS G 173 -18.82 -3.84 -1.91
C LYS G 173 -20.00 -3.30 -1.10
N VAL G 174 -20.93 -2.63 -1.78
CA VAL G 174 -22.10 -2.07 -1.11
C VAL G 174 -22.96 -3.18 -0.53
N SER G 175 -23.17 -4.25 -1.30
CA SER G 175 -23.95 -5.38 -0.80
C SER G 175 -23.27 -6.04 0.39
N PHE G 176 -21.94 -6.17 0.35
CA PHE G 176 -21.21 -6.75 1.46
C PHE G 176 -21.34 -5.89 2.71
N PHE G 177 -21.22 -4.57 2.57
CA PHE G 177 -21.35 -3.68 3.72
C PHE G 177 -22.75 -3.73 4.30
N ALA G 178 -23.76 -3.73 3.43
CA ALA G 178 -25.14 -3.80 3.91
C ALA G 178 -25.43 -5.15 4.56
N GLY G 179 -24.85 -6.23 4.05
CA GLY G 179 -25.03 -7.53 4.69
C GLY G 179 -24.38 -7.59 6.06
N ILE G 180 -23.20 -7.00 6.19
CA ILE G 180 -22.54 -6.94 7.49
C ILE G 180 -23.39 -6.11 8.47
N LEU G 181 -23.92 -4.98 8.00
CA LEU G 181 -24.74 -4.15 8.86
C LEU G 181 -26.02 -4.88 9.29
N MET G 182 -26.63 -5.62 8.37
CA MET G 182 -27.83 -6.39 8.69
C MET G 182 -27.52 -7.57 9.61
N ALA G 183 -26.33 -8.15 9.52
CA ALA G 183 -25.94 -9.27 10.37
C ALA G 183 -25.40 -8.83 11.71
N MET G 184 -25.12 -7.54 11.90
CA MET G 184 -24.71 -7.02 13.20
C MET G 184 -25.57 -7.49 14.37
N PRO G 185 -26.91 -7.54 14.28
CA PRO G 185 -27.67 -8.17 15.37
C PRO G 185 -27.23 -9.59 15.68
N VAL G 186 -27.20 -10.46 14.67
CA VAL G 186 -26.81 -11.85 14.90
C VAL G 186 -25.36 -11.95 15.34
N ILE G 187 -24.48 -11.17 14.68
CA ILE G 187 -23.05 -11.22 15.02
C ILE G 187 -22.83 -10.84 16.46
N LEU G 188 -23.40 -9.71 16.90
CA LEU G 188 -23.23 -9.27 18.28
C LEU G 188 -23.93 -10.17 19.27
N TRP G 189 -25.09 -10.74 18.91
CA TRP G 189 -25.76 -11.69 19.80
C TRP G 189 -24.88 -12.91 20.06
N GLN G 190 -24.31 -13.48 18.99
CA GLN G 190 -23.43 -14.64 19.16
C GLN G 190 -22.16 -14.27 19.90
N LEU G 191 -21.61 -13.08 19.62
CA LEU G 191 -20.40 -12.65 20.30
C LEU G 191 -20.65 -12.50 21.80
N TRP G 192 -21.76 -11.89 22.18
CA TRP G 192 -22.07 -11.75 23.59
C TRP G 192 -22.36 -13.10 24.23
N LEU G 193 -23.07 -13.99 23.52
CA LEU G 193 -23.34 -15.32 24.05
C LEU G 193 -22.06 -16.12 24.27
N PHE G 194 -21.03 -15.90 23.46
CA PHE G 194 -19.72 -16.49 23.69
C PHE G 194 -18.96 -15.84 24.84
N ILE G 195 -18.99 -14.50 24.94
CA ILE G 195 -18.26 -13.80 25.98
C ILE G 195 -18.98 -13.83 27.32
N ALA G 196 -20.30 -13.97 27.34
CA ALA G 196 -21.08 -13.94 28.57
C ALA G 196 -20.59 -14.94 29.61
N PRO G 197 -20.34 -16.22 29.26
CA PRO G 197 -19.81 -17.11 30.32
C PRO G 197 -18.30 -17.01 30.44
N GLY G 198 -17.80 -15.79 30.37
CA GLY G 198 -16.40 -15.49 30.53
C GLY G 198 -16.20 -14.14 31.20
N LEU G 199 -17.31 -13.56 31.64
CA LEU G 199 -17.34 -12.25 32.25
C LEU G 199 -18.01 -12.35 33.61
N TYR G 200 -17.58 -11.51 34.54
CA TYR G 200 -18.12 -11.57 35.89
C TYR G 200 -19.52 -10.97 35.93
N ASP G 201 -20.23 -11.26 37.02
CA ASP G 201 -21.63 -10.89 37.11
C ASP G 201 -21.79 -9.40 37.45
N ASN G 202 -20.69 -8.65 37.35
CA ASN G 202 -20.73 -7.21 37.57
C ASN G 202 -20.33 -6.39 36.35
N GLU G 203 -19.86 -6.99 35.26
CA GLU G 203 -19.58 -6.24 34.05
C GLU G 203 -20.70 -6.29 33.02
N LYS G 204 -21.57 -7.29 33.09
CA LYS G 204 -22.67 -7.40 32.14
C LYS G 204 -23.60 -6.20 32.23
N LYS G 205 -23.88 -5.78 33.47
CA LYS G 205 -24.76 -4.65 33.72
C LYS G 205 -24.17 -3.36 33.16
N MET G 206 -22.86 -3.33 32.98
CA MET G 206 -22.23 -2.20 32.29
C MET G 206 -22.30 -2.36 30.79
N VAL G 207 -21.97 -3.55 30.28
CA VAL G 207 -21.85 -3.73 28.83
C VAL G 207 -23.19 -3.56 28.13
N LEU G 208 -24.28 -4.08 28.70
CA LEU G 208 -25.55 -4.07 27.96
C LEU G 208 -26.04 -2.66 27.65
N PRO G 209 -26.23 -1.77 28.63
CA PRO G 209 -26.65 -0.40 28.30
C PRO G 209 -25.65 0.34 27.45
N PHE G 210 -24.35 0.09 27.64
CA PHE G 210 -23.33 0.72 26.83
C PHE G 210 -23.46 0.30 25.37
N VAL G 211 -23.67 -0.99 25.11
CA VAL G 211 -23.81 -1.47 23.74
C VAL G 211 -25.07 -0.89 23.10
N VAL G 212 -26.17 -0.89 23.85
CA VAL G 212 -27.44 -0.36 23.34
C VAL G 212 -27.30 1.11 22.98
N GLY G 213 -26.76 1.91 23.91
CA GLY G 213 -26.60 3.33 23.67
C GLY G 213 -25.63 3.62 22.55
N GLY G 214 -24.55 2.84 22.46
CA GLY G 214 -23.61 3.02 21.38
C GLY G 214 -24.24 2.75 20.02
N SER G 215 -25.03 1.68 19.93
CA SER G 215 -25.72 1.38 18.67
C SER G 215 -26.70 2.49 18.30
N VAL G 216 -27.48 2.95 19.28
CA VAL G 216 -28.47 3.99 19.00
C VAL G 216 -27.77 5.28 18.55
N MET G 217 -26.70 5.64 19.24
CA MET G 217 -26.01 6.89 18.91
C MET G 217 -25.24 6.78 17.60
N PHE G 218 -24.74 5.59 17.27
CA PHE G 218 -24.15 5.37 15.96
C PHE G 218 -25.18 5.53 14.86
N LEU G 219 -26.39 5.00 15.06
CA LEU G 219 -27.44 5.19 14.07
C LEU G 219 -27.79 6.66 13.92
N ILE G 220 -27.89 7.37 15.05
CA ILE G 220 -28.22 8.79 15.03
C ILE G 220 -27.12 9.55 14.29
N GLY G 221 -25.86 9.19 14.54
CA GLY G 221 -24.76 9.86 13.88
C GLY G 221 -24.73 9.61 12.39
N VAL G 222 -25.02 8.36 11.98
CA VAL G 222 -25.07 8.05 10.56
C VAL G 222 -26.18 8.83 9.86
N LEU G 223 -27.36 8.89 10.49
CA LEU G 223 -28.45 9.67 9.93
C LEU G 223 -28.09 11.15 9.85
N PHE G 224 -27.46 11.69 10.89
CA PHE G 224 -27.06 13.08 10.89
C PHE G 224 -26.04 13.36 9.80
N ALA G 225 -25.08 12.46 9.61
CA ALA G 225 -24.10 12.64 8.56
C ALA G 225 -24.75 12.63 7.18
N TYR G 226 -25.67 11.69 6.95
CA TYR G 226 -26.28 11.60 5.62
C TYR G 226 -27.18 12.79 5.33
N TYR G 227 -27.96 13.23 6.33
CA TYR G 227 -29.03 14.18 6.07
C TYR G 227 -28.70 15.62 6.40
N VAL G 228 -27.71 15.88 7.26
CA VAL G 228 -27.47 17.25 7.69
C VAL G 228 -26.05 17.70 7.32
N VAL G 229 -25.12 16.76 7.22
CA VAL G 229 -23.72 17.10 7.02
C VAL G 229 -23.33 16.89 5.56
N THR G 230 -23.61 15.70 5.04
CA THR G 230 -23.22 15.38 3.66
C THR G 230 -23.82 16.32 2.63
N PRO G 231 -25.10 16.72 2.68
CA PRO G 231 -25.60 17.67 1.67
C PRO G 231 -24.82 18.97 1.62
N PHE G 232 -24.38 19.48 2.77
CA PHE G 232 -23.62 20.72 2.78
C PHE G 232 -22.14 20.49 2.48
N GLY G 233 -21.56 19.45 3.07
CA GLY G 233 -20.15 19.19 2.84
C GLY G 233 -19.83 18.87 1.40
N PHE G 234 -20.66 18.04 0.76
CA PHE G 234 -20.42 17.71 -0.64
C PHE G 234 -20.54 18.94 -1.52
N GLN G 235 -21.53 19.79 -1.26
CA GLN G 235 -21.68 21.01 -2.03
C GLN G 235 -20.46 21.92 -1.87
N PHE G 236 -19.99 22.07 -0.63
CA PHE G 236 -18.82 22.91 -0.40
C PHE G 236 -17.59 22.35 -1.09
N LEU G 237 -17.39 21.04 -1.03
CA LEU G 237 -16.20 20.44 -1.60
C LEU G 237 -16.21 20.51 -3.12
N ILE G 238 -17.39 20.30 -3.74
CA ILE G 238 -17.46 20.38 -5.20
C ILE G 238 -17.33 21.84 -5.66
N THR G 239 -17.94 22.78 -4.92
CA THR G 239 -17.80 24.18 -5.28
C THR G 239 -16.38 24.69 -5.09
N PHE G 240 -15.60 24.07 -4.20
CA PHE G 240 -14.23 24.50 -3.99
C PHE G 240 -13.40 24.38 -5.26
N GLY G 241 -13.43 23.20 -5.89
CA GLY G 241 -12.75 23.01 -7.15
C GLY G 241 -13.65 23.13 -8.36
N SER G 242 -14.43 24.22 -8.44
CA SER G 242 -15.36 24.41 -9.54
C SER G 242 -14.83 25.36 -10.61
N PHE G 243 -14.14 26.43 -10.23
CA PHE G 243 -13.59 27.38 -11.18
C PHE G 243 -12.22 26.95 -11.69
N LEU G 244 -11.69 25.84 -11.18
CA LEU G 244 -10.39 25.33 -11.62
C LEU G 244 -10.51 23.99 -12.34
N TYR G 245 -11.25 23.05 -11.78
CA TYR G 245 -11.31 21.69 -12.30
C TYR G 245 -12.76 21.29 -12.57
N THR G 246 -12.90 20.21 -13.34
CA THR G 246 -14.19 19.64 -13.70
C THR G 246 -14.46 18.42 -12.84
N PRO G 247 -15.58 18.34 -12.14
CA PRO G 247 -15.80 17.25 -11.19
C PRO G 247 -16.28 15.95 -11.82
N LEU G 248 -15.36 15.16 -12.35
CA LEU G 248 -15.68 13.84 -12.90
C LEU G 248 -15.49 12.79 -11.82
N ILE G 249 -16.50 12.68 -10.95
CA ILE G 249 -16.34 11.90 -9.73
C ILE G 249 -16.55 10.42 -10.02
N ASN G 250 -15.57 9.60 -9.65
CA ASN G 250 -15.64 8.17 -9.89
C ASN G 250 -16.27 7.46 -8.69
N ILE G 251 -17.10 6.47 -8.98
CA ILE G 251 -17.88 5.82 -7.93
C ILE G 251 -17.00 5.00 -7.01
N GLU G 252 -15.92 4.42 -7.52
CA GLU G 252 -15.12 3.49 -6.74
C GLU G 252 -14.53 4.16 -5.51
N ASP G 253 -13.97 5.35 -5.68
CA ASP G 253 -13.48 6.11 -4.53
C ASP G 253 -14.61 6.77 -3.75
N TYR G 254 -15.71 7.13 -4.41
CA TYR G 254 -16.80 7.80 -3.71
C TYR G 254 -17.44 6.90 -2.67
N VAL G 255 -17.60 5.60 -2.96
CA VAL G 255 -18.20 4.71 -1.97
C VAL G 255 -17.33 4.65 -0.72
N GLY G 256 -16.02 4.48 -0.90
CA GLY G 256 -15.14 4.45 0.26
C GLY G 256 -15.19 5.73 1.05
N PHE G 257 -15.16 6.87 0.35
CA PHE G 257 -15.23 8.16 1.02
C PHE G 257 -16.53 8.32 1.80
N PHE G 258 -17.64 7.89 1.20
CA PHE G 258 -18.95 8.02 1.82
C PHE G 258 -19.06 7.17 3.08
N THR G 259 -18.68 5.90 2.99
CA THR G 259 -18.74 5.05 4.18
C THR G 259 -17.76 5.53 5.26
N LYS G 260 -16.60 6.04 4.86
CA LYS G 260 -15.68 6.59 5.85
C LYS G 260 -16.31 7.75 6.60
N ILE G 261 -16.96 8.67 5.87
CA ILE G 261 -17.63 9.79 6.53
C ILE G 261 -18.72 9.28 7.47
N LEU G 262 -19.53 8.33 7.01
CA LEU G 262 -20.67 7.87 7.80
C LEU G 262 -20.21 7.17 9.07
N ILE G 263 -19.23 6.28 8.96
CA ILE G 263 -18.71 5.57 10.13
C ILE G 263 -18.00 6.54 11.06
N GLY G 264 -17.26 7.50 10.51
CA GLY G 264 -16.59 8.47 11.34
C GLY G 264 -17.55 9.31 12.15
N PHE G 265 -18.66 9.72 11.54
CA PHE G 265 -19.66 10.49 12.28
C PHE G 265 -20.37 9.62 13.31
N GLY G 266 -20.61 8.35 13.00
CA GLY G 266 -21.17 7.46 14.00
C GLY G 266 -20.28 7.33 15.22
N ILE G 267 -18.98 7.17 15.00
CA ILE G 267 -18.05 7.07 16.13
C ILE G 267 -17.94 8.41 16.86
N ALA G 268 -17.95 9.52 16.10
CA ALA G 268 -17.86 10.84 16.71
C ALA G 268 -19.12 11.20 17.46
N PHE G 269 -20.20 10.45 17.27
CA PHE G 269 -21.39 10.60 18.09
C PHE G 269 -21.41 9.63 19.26
N GLU G 270 -20.81 8.44 19.10
CA GLU G 270 -20.71 7.49 20.21
C GLU G 270 -19.72 7.90 21.30
N LEU G 271 -18.57 8.48 20.94
CA LEU G 271 -17.60 8.82 21.98
C LEU G 271 -18.12 9.87 22.96
N PRO G 272 -18.76 10.98 22.51
CA PRO G 272 -19.26 11.96 23.48
C PRO G 272 -20.46 11.48 24.29
N VAL G 273 -20.96 10.28 24.04
CA VAL G 273 -22.02 9.72 24.87
C VAL G 273 -21.39 8.66 25.76
N VAL G 274 -20.32 8.02 25.28
CA VAL G 274 -19.54 7.13 26.13
C VAL G 274 -18.92 7.91 27.26
N ALA G 275 -18.44 9.13 26.98
CA ALA G 275 -17.89 9.98 28.03
C ALA G 275 -18.93 10.28 29.10
N TYR G 276 -20.15 10.62 28.67
CA TYR G 276 -21.22 10.90 29.63
C TYR G 276 -21.57 9.67 30.44
N PHE G 277 -21.66 8.51 29.79
CA PHE G 277 -22.00 7.28 30.49
C PHE G 277 -20.95 6.95 31.55
N LEU G 278 -19.67 7.09 31.18
CA LEU G 278 -18.60 6.85 32.15
C LEU G 278 -18.63 7.86 33.27
N ALA G 279 -18.90 9.13 32.96
CA ALA G 279 -18.92 10.16 33.98
C ALA G 279 -20.08 10.02 34.94
N LEU G 280 -21.17 9.34 34.53
CA LEU G 280 -22.28 9.14 35.45
C LEU G 280 -21.88 8.38 36.70
N LEU G 281 -21.24 7.23 36.55
CA LEU G 281 -20.90 6.41 37.73
C LEU G 281 -19.52 6.76 38.30
N GLY G 282 -19.27 8.04 38.54
CA GLY G 282 -18.07 8.50 39.25
C GLY G 282 -16.76 7.93 38.73
N LEU G 283 -16.73 7.48 37.48
CA LEU G 283 -15.53 6.84 36.97
C LEU G 283 -14.55 7.87 36.41
N ILE G 284 -14.99 8.65 35.44
CA ILE G 284 -14.16 9.67 34.82
C ILE G 284 -14.70 11.04 35.24
N THR G 285 -13.83 11.89 35.76
CA THR G 285 -14.17 13.25 36.09
C THR G 285 -13.32 14.19 35.23
N ASP G 286 -13.56 15.49 35.38
CA ASP G 286 -12.88 16.48 34.55
C ASP G 286 -11.38 16.44 34.74
N LYS G 287 -10.92 16.35 35.99
CA LYS G 287 -9.49 16.31 36.27
C LYS G 287 -8.86 15.07 35.65
N THR G 288 -9.55 13.93 35.74
CA THR G 288 -9.05 12.67 35.21
C THR G 288 -8.96 12.73 33.69
N LEU G 289 -9.71 13.64 33.07
CA LEU G 289 -9.69 13.78 31.63
C LEU G 289 -8.72 14.86 31.14
N LYS G 290 -8.14 15.64 32.05
CA LYS G 290 -7.15 16.65 31.68
C LYS G 290 -5.74 16.23 32.09
N ASP G 291 -5.62 15.09 32.75
CA ASP G 291 -4.33 14.54 33.13
C ASP G 291 -3.87 13.42 32.23
N TYR G 292 -4.79 12.69 31.60
CA TYR G 292 -4.47 11.69 30.61
C TYR G 292 -4.60 12.23 29.18
N PHE G 293 -4.67 13.56 29.06
CA PHE G 293 -4.66 14.18 27.74
C PHE G 293 -3.32 13.99 27.04
N LYS G 294 -2.22 13.99 27.80
CA LYS G 294 -0.90 13.87 27.20
C LYS G 294 -0.75 12.54 26.46
N TYR G 295 -1.22 11.45 27.06
CA TYR G 295 -1.23 10.17 26.37
C TYR G 295 -2.40 10.06 25.40
N ALA G 296 -3.46 10.82 25.64
CA ALA G 296 -4.63 10.79 24.75
C ALA G 296 -4.27 11.29 23.37
N ILE G 297 -3.45 12.34 23.28
CA ILE G 297 -3.09 12.87 21.97
C ILE G 297 -2.21 11.89 21.21
N VAL G 298 -1.29 11.21 21.90
CA VAL G 298 -0.46 10.22 21.24
C VAL G 298 -1.32 9.05 20.75
N ILE G 299 -2.27 8.61 21.57
CA ILE G 299 -3.18 7.54 21.14
C ILE G 299 -4.03 8.00 19.96
N ILE G 300 -4.42 9.27 19.95
CA ILE G 300 -5.22 9.81 18.85
C ILE G 300 -4.42 9.77 17.57
N PHE G 301 -3.15 10.17 17.63
CA PHE G 301 -2.31 10.14 16.44
C PHE G 301 -2.02 8.71 15.99
N LEU G 302 -1.86 7.79 16.93
CA LEU G 302 -1.72 6.37 16.57
C LEU G 302 -2.95 5.88 15.83
N LEU G 303 -4.14 6.20 16.35
CA LEU G 303 -5.37 5.78 15.69
C LEU G 303 -5.49 6.39 14.31
N ALA G 304 -5.13 7.67 14.17
CA ALA G 304 -5.19 8.32 12.87
C ALA G 304 -4.23 7.65 11.89
N ALA G 305 -3.04 7.30 12.35
CA ALA G 305 -2.09 6.59 11.50
C ALA G 305 -2.64 5.23 11.08
N PHE G 306 -3.35 4.54 11.98
CA PHE G 306 -3.98 3.29 11.62
C PHE G 306 -5.06 3.49 10.56
N LEU G 307 -5.93 4.48 10.75
CA LEU G 307 -7.14 4.62 9.96
C LEU G 307 -6.95 5.43 8.67
N THR G 308 -5.75 5.93 8.41
CA THR G 308 -5.48 6.74 7.22
C THR G 308 -4.29 6.17 6.46
N PRO G 309 -4.21 6.44 5.16
CA PRO G 309 -3.02 6.05 4.39
C PRO G 309 -1.75 6.64 4.97
N PRO G 310 -0.57 6.19 4.52
CA PRO G 310 0.68 6.65 5.14
C PRO G 310 0.96 8.13 4.98
N ASP G 311 0.04 8.88 4.37
CA ASP G 311 0.20 10.32 4.27
C ASP G 311 0.06 10.98 5.63
N VAL G 312 0.97 11.91 5.93
CA VAL G 312 0.91 12.64 7.20
C VAL G 312 -0.27 13.60 7.22
N LEU G 313 -0.57 14.21 6.07
CA LEU G 313 -1.66 15.18 6.01
C LEU G 313 -2.99 14.53 6.39
N THR G 314 -3.24 13.32 5.90
CA THR G 314 -4.44 12.59 6.28
C THR G 314 -4.45 12.29 7.78
N GLN G 315 -3.28 11.94 8.33
CA GLN G 315 -3.19 11.66 9.76
C GLN G 315 -3.57 12.89 10.58
N LEU G 316 -3.06 14.06 10.21
CA LEU G 316 -3.43 15.28 10.93
C LEU G 316 -4.91 15.63 10.73
N LEU G 317 -5.41 15.47 9.51
CA LEU G 317 -6.82 15.74 9.22
C LEU G 317 -7.76 14.81 9.96
N MET G 318 -7.29 13.63 10.35
CA MET G 318 -8.09 12.73 11.17
C MET G 318 -7.88 12.96 12.66
N ALA G 319 -6.70 13.42 13.07
CA ALA G 319 -6.43 13.69 14.48
C ALA G 319 -7.10 14.95 14.99
N ALA G 320 -7.28 15.97 14.12
CA ALA G 320 -7.95 17.19 14.57
C ALA G 320 -9.38 16.94 15.03
N PRO G 321 -10.23 16.23 14.28
CA PRO G 321 -11.58 15.94 14.80
C PRO G 321 -11.57 15.17 16.11
N LEU G 322 -10.62 14.25 16.27
CA LEU G 322 -10.52 13.51 17.53
C LEU G 322 -10.15 14.42 18.68
N ILE G 323 -9.25 15.38 18.43
CA ILE G 323 -8.91 16.37 19.43
C ILE G 323 -10.12 17.21 19.81
N LEU G 324 -10.91 17.63 18.84
CA LEU G 324 -12.14 18.37 19.14
C LEU G 324 -13.15 17.54 19.92
N LEU G 325 -13.29 16.25 19.58
CA LEU G 325 -14.18 15.38 20.34
C LEU G 325 -13.71 15.22 21.77
N TYR G 326 -12.39 15.08 21.99
CA TYR G 326 -11.88 15.02 23.35
C TYR G 326 -12.14 16.33 24.11
N GLY G 327 -11.96 17.46 23.44
CA GLY G 327 -12.28 18.73 24.06
C GLY G 327 -13.74 18.81 24.48
N LEU G 328 -14.64 18.38 23.61
CA LEU G 328 -16.06 18.33 23.94
C LEU G 328 -16.32 17.39 25.11
N SER G 329 -15.67 16.23 25.11
CA SER G 329 -15.80 15.28 26.21
C SER G 329 -15.40 15.92 27.53
N ILE G 330 -14.43 16.83 27.50
CA ILE G 330 -14.03 17.50 28.74
C ILE G 330 -15.19 18.29 29.33
N LEU G 331 -15.89 19.09 28.52
CA LEU G 331 -17.03 19.82 29.06
C LEU G 331 -18.18 18.89 29.44
N ILE G 332 -18.35 17.80 28.68
CA ILE G 332 -19.41 16.86 29.00
C ILE G 332 -19.19 16.25 30.37
N VAL G 333 -17.95 15.87 30.68
CA VAL G 333 -17.68 15.31 32.00
C VAL G 333 -17.63 16.41 33.05
N HIS G 334 -17.41 17.66 32.65
CA HIS G 334 -17.39 18.76 33.61
C HIS G 334 -18.80 19.11 34.08
N TYR G 335 -19.78 19.01 33.19
CA TYR G 335 -21.16 19.33 33.55
C TYR G 335 -21.97 18.10 33.99
N VAL G 336 -21.35 16.93 34.06
CA VAL G 336 -22.05 15.73 34.50
C VAL G 336 -22.39 15.82 35.98
N MET H 1 -8.83 -25.14 30.87
CA MET H 1 -8.82 -23.71 30.58
C MET H 1 -10.23 -23.15 30.66
N GLN H 2 -10.38 -22.01 31.32
CA GLN H 2 -11.66 -21.34 31.47
C GLN H 2 -11.80 -20.26 30.41
N ARG H 3 -13.03 -19.73 30.31
CA ARG H 3 -13.34 -18.84 29.20
C ARG H 3 -12.56 -17.52 29.29
N ARG H 4 -12.38 -17.01 30.51
CA ARG H 4 -11.64 -15.75 30.69
C ARG H 4 -10.21 -15.88 30.18
N ASP H 5 -9.55 -17.00 30.50
CA ASP H 5 -8.20 -17.23 29.99
C ASP H 5 -8.19 -17.31 28.47
N PHE H 6 -9.23 -17.92 27.89
CA PHE H 6 -9.34 -17.97 26.44
C PHE H 6 -9.40 -16.57 25.85
N LEU H 7 -10.23 -15.71 26.44
CA LEU H 7 -10.33 -14.35 25.94
C LEU H 7 -9.01 -13.62 26.06
N LYS H 8 -8.33 -13.79 27.20
CA LYS H 8 -7.02 -13.18 27.41
C LYS H 8 -6.03 -13.61 26.33
N TYR H 9 -5.93 -14.92 26.10
CA TYR H 9 -4.95 -15.44 25.16
C TYR H 9 -5.28 -15.04 23.72
N SER H 10 -6.56 -15.07 23.37
CA SER H 10 -6.98 -14.67 22.02
C SER H 10 -6.67 -13.20 21.78
N VAL H 11 -6.97 -12.34 22.76
CA VAL H 11 -6.67 -10.92 22.64
C VAL H 11 -5.17 -10.71 22.53
N ALA H 12 -4.39 -11.43 23.33
CA ALA H 12 -2.94 -11.28 23.29
C ALA H 12 -2.38 -11.69 21.93
N LEU H 13 -2.85 -12.82 21.40
CA LEU H 13 -2.36 -13.26 20.10
C LEU H 13 -2.77 -12.31 18.99
N GLY H 14 -3.99 -11.76 19.06
CA GLY H 14 -4.39 -10.77 18.09
C GLY H 14 -3.54 -9.52 18.16
N VAL H 15 -3.18 -9.09 19.37
CA VAL H 15 -2.28 -7.96 19.53
C VAL H 15 -0.92 -8.27 18.93
N ALA H 16 -0.40 -9.48 19.19
CA ALA H 16 0.87 -9.89 18.63
C ALA H 16 0.83 -9.91 17.10
N SER H 17 -0.36 -10.14 16.54
CA SER H 17 -0.53 -10.10 15.09
C SER H 17 -0.59 -8.68 14.55
N ALA H 18 -0.64 -7.67 15.41
CA ALA H 18 -0.68 -6.28 14.99
C ALA H 18 0.60 -5.52 15.29
N LEU H 19 1.52 -6.09 16.06
CA LEU H 19 2.79 -5.43 16.37
C LEU H 19 3.57 -5.12 15.11
N MET I 1 25.58 11.76 30.35
CA MET I 1 25.41 11.55 28.92
C MET I 1 25.68 12.83 28.14
N GLN I 2 26.46 12.71 27.08
CA GLN I 2 26.83 13.84 26.23
C GLN I 2 25.97 13.84 24.98
N ARG I 3 26.11 14.90 24.18
CA ARG I 3 25.24 15.09 23.03
C ARG I 3 25.53 14.10 21.93
N ARG I 4 26.81 13.78 21.69
CA ARG I 4 27.17 12.88 20.62
C ARG I 4 26.56 11.50 20.81
N ASP I 5 26.58 11.00 22.05
CA ASP I 5 25.92 9.73 22.33
C ASP I 5 24.43 9.83 22.04
N PHE I 6 23.82 10.98 22.32
CA PHE I 6 22.40 11.16 22.01
C PHE I 6 22.15 11.03 20.53
N LEU I 7 22.95 11.71 19.70
CA LEU I 7 22.76 11.59 18.26
C LEU I 7 22.98 10.16 17.79
N LYS I 8 24.01 9.51 18.31
CA LYS I 8 24.27 8.11 17.95
C LYS I 8 23.07 7.23 18.25
N TYR I 9 22.55 7.32 19.48
CA TYR I 9 21.46 6.43 19.88
C TYR I 9 20.16 6.77 19.16
N SER I 10 19.90 8.06 18.93
CA SER I 10 18.72 8.47 18.20
C SER I 10 18.75 7.93 16.78
N VAL I 11 19.90 8.06 16.11
CA VAL I 11 20.06 7.50 14.76
C VAL I 11 19.90 5.99 14.80
N ALA I 12 20.40 5.35 15.85
CA ALA I 12 20.29 3.90 15.97
C ALA I 12 18.82 3.47 16.05
N LEU I 13 18.05 4.09 16.95
CA LEU I 13 16.64 3.72 17.06
C LEU I 13 15.87 4.10 15.81
N GLY I 14 16.27 5.17 15.12
CA GLY I 14 15.64 5.49 13.85
C GLY I 14 15.87 4.41 12.81
N VAL I 15 17.09 3.89 12.75
CA VAL I 15 17.40 2.79 11.85
C VAL I 15 16.59 1.55 12.24
N ALA I 16 16.52 1.27 13.53
CA ALA I 16 15.79 0.10 14.01
C ALA I 16 14.32 0.17 13.63
N SER I 17 13.78 1.38 13.53
CA SER I 17 12.39 1.57 13.11
C SER I 17 12.20 1.41 11.61
N ALA I 18 13.27 1.26 10.84
CA ALA I 18 13.19 1.09 9.40
C ALA I 18 13.55 -0.29 8.91
N LEU I 19 14.04 -1.17 9.79
CA LEU I 19 14.40 -2.53 9.40
C LEU I 19 13.19 -3.28 8.85
#